data_6NFE
#
_entry.id   6NFE
#
_cell.length_a   109.000
_cell.length_b   109.000
_cell.length_c   97.300
_cell.angle_alpha   90.000
_cell.angle_beta   90.000
_cell.angle_gamma   120.000
#
_symmetry.space_group_name_H-M   'P 3 2 1'
#
loop_
_entity.id
_entity.type
_entity.pdbx_description
1 polymer 'Ribose-phosphate pyrophosphokinase'
2 non-polymer 1,2-ETHANEDIOL
3 non-polymer ETHANOL
4 non-polymer 5-O-phosphono-alpha-D-ribofuranose
5 non-polymer 'ADENOSINE MONOPHOSPHATE'
6 non-polymer "ADENOSINE-5'-DIPHOSPHATE"
7 water water
#
_entity_poly.entity_id   1
_entity_poly.type   'polypeptide(L)'
_entity_poly.pdbx_seq_one_letter_code
;MAHHHHHHMSTMMIFTGNANPELALKISSHLQIPIGKATVGTFSDGETMVEILENVRGKDVFVLQSTCAPANNNLMELLI
MADALRRSSAGRITAVVPYFGYARQDRRVRSARVPITAKVVADMMASVGICRVLTVDLHADQIQGFFYMPVDNVYSTPVL
LEDITKQKLNNIMIVSPDVGGVVRARAVAKRLNDAELSIIDKRRSGPNKSEVMHIIGEPANKNCIIVDDIVDTAGTLCTA
AHELKKNGAKSVRAYITHPVLSGPAVNNIKHSGLDEVVVTDTIPLSAEAQNCEKIRVVSLADMLAQAIKRVNVEESVSSM
FAE
;
_entity_poly.pdbx_strand_id   A,B
#
loop_
_chem_comp.id
_chem_comp.type
_chem_comp.name
_chem_comp.formula
ADP non-polymer ADENOSINE-5'-DIPHOSPHATE 'C10 H15 N5 O10 P2'
AMP non-polymer 'ADENOSINE MONOPHOSPHATE' 'C10 H14 N5 O7 P'
EDO non-polymer 1,2-ETHANEDIOL 'C2 H6 O2'
EOH non-polymer ETHANOL 'C2 H6 O'
HSX D-saccharide, alpha linking 5-O-phosphono-alpha-D-ribofuranose 'C5 H11 O8 P'
#
# COMPACT_ATOMS: atom_id res chain seq x y z
N SER A 10 9.55 28.98 -12.26
CA SER A 10 10.41 28.99 -13.43
C SER A 10 11.09 27.64 -13.59
N THR A 11 11.87 27.25 -12.58
CA THR A 11 12.30 25.87 -12.45
C THR A 11 11.24 25.00 -11.79
N MET A 12 10.17 25.57 -11.28
CA MET A 12 9.22 24.83 -10.45
C MET A 12 8.23 24.04 -11.29
N MET A 13 8.03 22.78 -10.93
CA MET A 13 6.94 21.97 -11.45
C MET A 13 6.22 21.32 -10.29
N ILE A 14 4.92 21.08 -10.47
CA ILE A 14 4.15 20.38 -9.44
C ILE A 14 3.41 19.22 -10.07
N PHE A 15 3.39 18.09 -9.36
CA PHE A 15 2.60 16.93 -9.74
C PHE A 15 1.74 16.55 -8.55
N THR A 16 0.68 15.78 -8.81
CA THR A 16 -0.13 15.27 -7.71
C THR A 16 -0.57 13.84 -8.00
N GLY A 17 -0.71 13.08 -6.93
CA GLY A 17 -1.35 11.77 -7.00
C GLY A 17 -2.83 11.91 -6.80
N ASN A 18 -3.46 10.83 -6.33
CA ASN A 18 -4.92 10.83 -6.17
C ASN A 18 -5.37 11.10 -4.75
N ALA A 19 -4.43 11.42 -3.84
CA ALA A 19 -4.81 11.54 -2.42
C ALA A 19 -5.69 12.75 -2.16
N ASN A 20 -5.39 13.88 -2.79
CA ASN A 20 -6.13 15.09 -2.50
C ASN A 20 -6.02 16.03 -3.70
N PRO A 21 -6.64 15.65 -4.82
CA PRO A 21 -6.54 16.50 -6.01
C PRO A 21 -7.16 17.87 -5.81
N GLU A 22 -8.16 18.01 -4.95
CA GLU A 22 -8.75 19.33 -4.74
C GLU A 22 -7.73 20.29 -4.14
N LEU A 23 -6.97 19.82 -3.14
CA LEU A 23 -5.96 20.69 -2.54
C LEU A 23 -4.85 21.00 -3.55
N ALA A 24 -4.48 20.02 -4.37
CA ALA A 24 -3.48 20.27 -5.40
C ALA A 24 -3.93 21.37 -6.36
N LEU A 25 -5.20 21.35 -6.77
CA LEU A 25 -5.73 22.38 -7.65
C LEU A 25 -5.67 23.75 -7.00
N LYS A 26 -6.00 23.84 -5.71
CA LYS A 26 -5.93 25.14 -5.04
C LYS A 26 -4.49 25.61 -4.91
N ILE A 27 -3.57 24.70 -4.56
CA ILE A 27 -2.16 25.09 -4.48
C ILE A 27 -1.68 25.62 -5.83
N SER A 28 -2.03 24.92 -6.91
CA SER A 28 -1.67 25.36 -8.25
C SER A 28 -2.20 26.76 -8.54
N SER A 29 -3.45 27.03 -8.15
CA SER A 29 -4.01 28.36 -8.38
C SER A 29 -3.22 29.43 -7.65
N HIS A 30 -2.78 29.15 -6.43
CA HIS A 30 -2.01 30.14 -5.67
C HIS A 30 -0.60 30.31 -6.25
N LEU A 31 0.01 29.22 -6.72
CA LEU A 31 1.34 29.31 -7.33
C LEU A 31 1.31 29.86 -8.75
N GLN A 32 0.13 29.86 -9.39
CA GLN A 32 -0.03 30.24 -10.80
CA GLN A 32 0.02 30.28 -10.79
C GLN A 32 0.88 29.42 -11.70
N ILE A 33 0.98 28.13 -11.39
CA ILE A 33 1.61 27.19 -12.31
C ILE A 33 0.70 25.98 -12.42
N PRO A 34 0.56 25.42 -13.62
CA PRO A 34 -0.37 24.30 -13.80
C PRO A 34 0.19 23.01 -13.20
N ILE A 35 -0.72 22.07 -12.97
CA ILE A 35 -0.30 20.75 -12.51
C ILE A 35 0.30 19.99 -13.68
N GLY A 36 1.50 19.46 -13.48
CA GLY A 36 2.16 18.72 -14.54
C GLY A 36 1.39 17.47 -14.91
N LYS A 37 1.51 17.08 -16.19
CA LYS A 37 0.80 15.92 -16.68
C LYS A 37 1.48 14.63 -16.21
N ALA A 38 0.69 13.69 -15.72
CA ALA A 38 1.22 12.41 -15.30
C ALA A 38 0.08 11.41 -15.19
N THR A 39 0.31 10.20 -15.65
CA THR A 39 -0.62 9.11 -15.36
C THR A 39 -0.36 8.60 -13.95
N VAL A 40 -1.36 8.65 -13.08
CA VAL A 40 -1.25 8.10 -11.73
C VAL A 40 -2.54 7.31 -11.48
N GLY A 41 -2.44 5.99 -11.53
CA GLY A 41 -3.63 5.18 -11.42
C GLY A 41 -3.27 3.76 -11.06
N THR A 42 -3.95 2.80 -11.68
CA THR A 42 -3.68 1.39 -11.42
C THR A 42 -3.74 0.61 -12.73
N PHE A 43 -2.96 -0.45 -12.78
CA PHE A 43 -3.18 -1.48 -13.79
C PHE A 43 -4.48 -2.22 -13.49
N SER A 44 -4.91 -3.06 -14.44
CA SER A 44 -6.16 -3.78 -14.27
C SER A 44 -6.20 -4.56 -12.96
N ASP A 45 -5.06 -5.13 -12.54
CA ASP A 45 -5.01 -5.95 -11.34
C ASP A 45 -4.90 -5.14 -10.06
N GLY A 46 -4.87 -3.82 -10.15
CA GLY A 46 -4.78 -2.96 -8.97
C GLY A 46 -3.39 -2.44 -8.64
N GLU A 47 -2.34 -2.96 -9.29
CA GLU A 47 -1.01 -2.46 -9.01
C GLU A 47 -0.90 -0.99 -9.41
N THR A 48 -0.24 -0.20 -8.55
CA THR A 48 -0.10 1.23 -8.80
C THR A 48 0.65 1.45 -10.11
N MET A 49 0.15 2.38 -10.93
CA MET A 49 0.65 2.62 -12.29
C MET A 49 1.01 4.10 -12.43
N VAL A 50 2.27 4.39 -12.79
CA VAL A 50 2.71 5.78 -12.92
C VAL A 50 3.48 5.97 -14.22
N GLU A 51 3.19 7.06 -14.92
CA GLU A 51 4.07 7.55 -15.98
C GLU A 51 4.08 9.08 -15.93
N ILE A 52 5.27 9.66 -15.84
CA ILE A 52 5.42 11.11 -15.90
C ILE A 52 5.36 11.56 -17.36
N LEU A 53 4.51 12.53 -17.65
CA LEU A 53 4.24 12.98 -19.02
C LEU A 53 4.71 14.41 -19.23
N GLU A 54 5.83 14.75 -18.61
CA GLU A 54 6.51 16.02 -18.80
C GLU A 54 8.00 15.74 -18.84
N ASN A 55 8.74 16.60 -19.53
CA ASN A 55 10.19 16.62 -19.36
C ASN A 55 10.49 17.31 -18.03
N VAL A 56 11.20 16.61 -17.14
CA VAL A 56 11.47 17.14 -15.81
C VAL A 56 12.96 17.36 -15.57
N ARG A 57 13.80 17.16 -16.59
CA ARG A 57 15.24 17.22 -16.40
C ARG A 57 15.65 18.55 -15.78
N GLY A 58 16.36 18.48 -14.66
CA GLY A 58 16.85 19.67 -13.99
C GLY A 58 15.80 20.52 -13.30
N LYS A 59 14.54 20.11 -13.29
CA LYS A 59 13.49 20.91 -12.69
C LYS A 59 13.43 20.71 -11.19
N ASP A 60 12.88 21.72 -10.51
CA ASP A 60 12.62 21.69 -9.07
C ASP A 60 11.19 21.17 -8.88
N VAL A 61 11.05 19.87 -8.60
CA VAL A 61 9.76 19.19 -8.71
C VAL A 61 9.16 18.99 -7.33
N PHE A 62 7.89 19.34 -7.18
CA PHE A 62 7.15 19.15 -5.93
C PHE A 62 6.02 18.18 -6.18
N VAL A 63 5.97 17.09 -5.42
CA VAL A 63 4.90 16.11 -5.55
C VAL A 63 3.94 16.34 -4.40
N LEU A 64 2.70 16.70 -4.73
CA LEU A 64 1.69 17.03 -3.72
C LEU A 64 0.91 15.76 -3.43
N GLN A 65 1.08 15.20 -2.22
CA GLN A 65 0.40 13.95 -1.91
C GLN A 65 0.39 13.72 -0.40
N SER A 66 -0.76 13.99 0.24
CA SER A 66 -0.97 13.48 1.59
C SER A 66 -1.00 11.96 1.57
N THR A 67 -0.56 11.34 2.66
CA THR A 67 -0.67 9.88 2.78
C THR A 67 -1.81 9.51 3.72
N CYS A 68 -2.95 10.13 3.49
CA CYS A 68 -4.22 9.79 4.13
C CYS A 68 -4.82 8.53 3.49
N ALA A 69 -5.94 8.05 4.06
CA ALA A 69 -6.58 6.85 3.54
C ALA A 69 -6.96 7.01 2.08
N PRO A 70 -6.72 6.01 1.22
CA PRO A 70 -6.02 4.75 1.51
C PRO A 70 -4.51 4.96 1.60
N ALA A 71 -3.98 4.73 2.80
CA ALA A 71 -2.61 5.18 3.10
C ALA A 71 -1.58 4.48 2.23
N ASN A 72 -1.64 3.15 2.13
CA ASN A 72 -0.57 2.45 1.40
C ASN A 72 -0.62 2.75 -0.08
N ASN A 73 -1.81 2.87 -0.64
CA ASN A 73 -1.90 3.21 -2.06
C ASN A 73 -1.41 4.64 -2.30
N ASN A 74 -1.82 5.57 -1.45
CA ASN A 74 -1.37 6.95 -1.62
C ASN A 74 0.12 7.08 -1.41
N LEU A 75 0.68 6.33 -0.45
CA LEU A 75 2.13 6.32 -0.28
C LEU A 75 2.84 5.70 -1.48
N MET A 76 2.35 4.56 -1.99
CA MET A 76 3.02 3.96 -3.14
C MET A 76 3.00 4.89 -4.35
N GLU A 77 1.88 5.58 -4.60
CA GLU A 77 1.86 6.58 -5.66
C GLU A 77 2.98 7.60 -5.49
N LEU A 78 3.12 8.15 -4.28
CA LEU A 78 4.17 9.14 -4.05
C LEU A 78 5.54 8.54 -4.29
N LEU A 79 5.76 7.33 -3.76
CA LEU A 79 7.10 6.75 -3.85
C LEU A 79 7.48 6.41 -5.28
N ILE A 80 6.55 5.87 -6.07
CA ILE A 80 6.98 5.51 -7.43
C ILE A 80 6.85 6.68 -8.40
N MET A 81 6.07 7.72 -8.07
CA MET A 81 6.24 8.99 -8.76
C MET A 81 7.66 9.52 -8.54
N ALA A 82 8.14 9.49 -7.30
CA ALA A 82 9.52 9.92 -7.05
C ALA A 82 10.53 9.05 -7.79
N ASP A 83 10.32 7.73 -7.80
CA ASP A 83 11.25 6.84 -8.51
C ASP A 83 11.28 7.17 -10.00
N ALA A 84 10.11 7.40 -10.60
CA ALA A 84 10.06 7.78 -12.02
C ALA A 84 10.74 9.12 -12.26
N LEU A 85 10.44 10.11 -11.42
CA LEU A 85 11.08 11.42 -11.56
C LEU A 85 12.59 11.33 -11.40
N ARG A 86 13.06 10.48 -10.48
CA ARG A 86 14.50 10.42 -10.24
C ARG A 86 15.25 9.87 -11.44
N ARG A 87 14.76 8.77 -12.01
CA ARG A 87 15.44 8.21 -13.17
CA ARG A 87 15.39 8.17 -13.18
C ARG A 87 15.24 9.05 -14.41
N SER A 88 14.27 9.97 -14.40
CA SER A 88 14.08 10.97 -15.46
C SER A 88 14.87 12.26 -15.19
N SER A 89 15.79 12.23 -14.22
CA SER A 89 16.76 13.30 -13.95
C SER A 89 16.13 14.60 -13.47
N ALA A 90 15.04 14.54 -12.70
CA ALA A 90 14.58 15.73 -12.00
C ALA A 90 15.73 16.33 -11.20
N GLY A 91 15.80 17.66 -11.14
CA GLY A 91 16.88 18.29 -10.40
C GLY A 91 16.74 18.11 -8.91
N ARG A 92 15.51 18.27 -8.42
CA ARG A 92 15.19 18.07 -7.00
CA ARG A 92 15.17 18.12 -7.00
C ARG A 92 13.78 17.50 -6.93
N ILE A 93 13.54 16.66 -5.93
CA ILE A 93 12.21 16.09 -5.72
C ILE A 93 11.80 16.37 -4.29
N THR A 94 10.73 17.13 -4.10
CA THR A 94 10.24 17.46 -2.77
C THR A 94 8.87 16.81 -2.58
N ALA A 95 8.71 16.07 -1.48
CA ALA A 95 7.42 15.47 -1.15
C ALA A 95 6.63 16.46 -0.28
N VAL A 96 5.53 16.99 -0.82
CA VAL A 96 4.63 17.85 -0.05
C VAL A 96 3.52 16.94 0.44
N VAL A 97 3.59 16.58 1.73
CA VAL A 97 2.75 15.56 2.34
C VAL A 97 1.97 16.24 3.45
N PRO A 98 0.90 17.00 3.12
CA PRO A 98 0.27 17.83 4.15
C PRO A 98 -0.19 17.05 5.37
N TYR A 99 -0.83 15.91 5.18
CA TYR A 99 -1.06 14.95 6.26
C TYR A 99 -0.13 13.77 6.11
N PHE A 100 0.72 13.55 7.11
CA PHE A 100 1.74 12.49 7.07
C PHE A 100 1.15 11.26 7.74
N GLY A 101 0.69 10.30 6.94
CA GLY A 101 0.19 9.06 7.49
C GLY A 101 1.27 8.27 8.20
N TYR A 102 0.84 7.43 9.15
CA TYR A 102 1.68 6.55 9.95
C TYR A 102 2.48 7.29 11.02
N ALA A 103 2.24 8.60 11.19
CA ALA A 103 3.00 9.37 12.17
C ALA A 103 2.71 8.94 13.61
N ARG A 104 1.56 8.32 13.88
CA ARG A 104 1.29 7.88 15.24
C ARG A 104 2.08 6.64 15.61
N GLN A 105 2.65 5.93 14.63
CA GLN A 105 3.46 4.75 14.93
C GLN A 105 4.93 5.15 14.89
N ASP A 106 5.34 5.89 15.93
CA ASP A 106 6.63 6.57 15.92
C ASP A 106 7.55 6.13 17.06
N ARG A 107 7.25 4.99 17.66
CA ARG A 107 8.06 4.40 18.73
C ARG A 107 7.46 3.03 19.02
N ARG A 108 8.19 2.22 19.79
CA ARG A 108 7.64 0.98 20.35
C ARG A 108 7.32 1.26 21.82
N VAL A 109 6.03 1.47 22.12
CA VAL A 109 5.64 1.76 23.48
C VAL A 109 5.98 0.57 24.37
N ARG A 110 6.78 0.81 25.40
CA ARG A 110 7.25 -0.20 26.34
C ARG A 110 7.89 -1.40 25.64
N SER A 111 8.58 -1.13 24.54
CA SER A 111 9.31 -2.15 23.78
C SER A 111 8.39 -3.26 23.26
N ALA A 112 7.12 -2.92 22.98
CA ALA A 112 6.22 -3.91 22.42
C ALA A 112 6.73 -4.38 21.07
N ARG A 113 6.34 -5.60 20.68
CA ARG A 113 6.85 -6.20 19.44
C ARG A 113 6.05 -5.67 18.24
N VAL A 114 6.24 -4.37 18.00
CA VAL A 114 5.49 -3.64 16.97
C VAL A 114 6.48 -2.96 16.04
N PRO A 115 6.05 -2.56 14.86
CA PRO A 115 6.93 -1.79 13.97
C PRO A 115 6.98 -0.33 14.38
N ILE A 116 8.04 0.35 13.93
CA ILE A 116 8.03 1.81 13.97
C ILE A 116 7.73 2.27 12.55
N THR A 117 6.44 2.25 12.18
CA THR A 117 6.10 2.43 10.78
C THR A 117 6.48 3.81 10.26
N ALA A 118 6.42 4.84 11.10
CA ALA A 118 6.84 6.16 10.64
C ALA A 118 8.30 6.18 10.20
N LYS A 119 9.16 5.40 10.87
CA LYS A 119 10.55 5.30 10.46
CA LYS A 119 10.55 5.29 10.46
C LYS A 119 10.68 4.45 9.19
N VAL A 120 9.91 3.37 9.08
CA VAL A 120 9.87 2.62 7.82
C VAL A 120 9.57 3.56 6.65
N VAL A 121 8.54 4.39 6.82
CA VAL A 121 8.09 5.31 5.76
C VAL A 121 9.16 6.36 5.48
N ALA A 122 9.77 6.94 6.53
CA ALA A 122 10.85 7.91 6.34
C ALA A 122 11.96 7.30 5.50
N ASP A 123 12.36 6.07 5.81
CA ASP A 123 13.42 5.40 5.07
C ASP A 123 12.96 5.11 3.64
N MET A 124 11.68 4.76 3.45
CA MET A 124 11.18 4.55 2.09
C MET A 124 11.32 5.82 1.25
N MET A 125 10.97 6.96 1.83
CA MET A 125 11.06 8.21 1.08
C MET A 125 12.50 8.53 0.72
N ALA A 126 13.44 8.33 1.66
CA ALA A 126 14.85 8.52 1.36
C ALA A 126 15.30 7.58 0.26
N SER A 127 14.83 6.32 0.31
CA SER A 127 15.29 5.28 -0.62
C SER A 127 14.95 5.59 -2.07
N VAL A 128 13.92 6.38 -2.34
CA VAL A 128 13.57 6.70 -3.72
C VAL A 128 14.11 8.06 -4.17
N GLY A 129 14.84 8.75 -3.31
CA GLY A 129 15.51 9.96 -3.76
C GLY A 129 14.77 11.24 -3.51
N ILE A 130 13.74 11.23 -2.65
CA ILE A 130 13.12 12.46 -2.19
C ILE A 130 14.16 13.24 -1.39
N CYS A 131 14.20 14.56 -1.61
CA CYS A 131 15.21 15.47 -1.08
CA CYS A 131 15.23 15.40 -1.00
C CYS A 131 14.73 16.32 0.09
N ARG A 132 13.41 16.45 0.28
CA ARG A 132 12.81 17.26 1.33
C ARG A 132 11.38 16.81 1.53
N VAL A 133 10.89 16.93 2.76
CA VAL A 133 9.48 16.74 3.06
C VAL A 133 8.93 18.07 3.57
N LEU A 134 7.75 18.45 3.07
CA LEU A 134 6.97 19.56 3.60
C LEU A 134 5.67 18.97 4.12
N THR A 135 5.33 19.26 5.38
CA THR A 135 4.15 18.64 5.99
C THR A 135 3.50 19.64 6.95
N VAL A 136 2.26 19.37 7.36
CA VAL A 136 1.49 20.28 8.22
C VAL A 136 1.20 19.60 9.55
N ASP A 137 1.54 20.27 10.66
CA ASP A 137 1.20 19.81 12.00
CA ASP A 137 1.21 19.81 12.01
C ASP A 137 1.53 18.33 12.18
N LEU A 138 2.81 18.00 11.98
CA LEU A 138 3.29 16.64 12.18
C LEU A 138 2.92 16.17 13.58
N HIS A 139 2.44 14.93 13.69
CA HIS A 139 1.88 14.46 14.97
C HIS A 139 2.89 14.61 16.09
N ALA A 140 4.17 14.34 15.80
CA ALA A 140 5.27 14.60 16.72
C ALA A 140 6.33 15.34 15.93
N ASP A 141 6.69 16.55 16.37
CA ASP A 141 7.70 17.30 15.64
C ASP A 141 9.05 16.57 15.65
N GLN A 142 9.26 15.69 16.62
CA GLN A 142 10.49 14.90 16.66
C GLN A 142 10.63 13.98 15.45
N ILE A 143 9.56 13.72 14.72
CA ILE A 143 9.67 12.92 13.49
C ILE A 143 10.61 13.58 12.49
N GLN A 144 10.86 14.89 12.62
CA GLN A 144 11.92 15.52 11.82
C GLN A 144 13.22 14.72 11.88
N GLY A 145 13.57 14.21 13.07
CA GLY A 145 14.83 13.51 13.26
C GLY A 145 14.86 12.10 12.73
N PHE A 146 13.73 11.62 12.20
CA PHE A 146 13.71 10.34 11.52
C PHE A 146 14.40 10.42 10.17
N PHE A 147 14.64 11.63 9.67
CA PHE A 147 15.12 11.90 8.32
C PHE A 147 16.49 12.53 8.33
N TYR A 148 17.33 12.12 7.37
CA TYR A 148 18.53 12.88 7.02
C TYR A 148 18.17 14.15 6.27
N MET A 149 17.22 14.05 5.35
CA MET A 149 16.79 15.20 4.56
C MET A 149 16.07 16.22 5.43
N PRO A 150 16.05 17.49 5.03
CA PRO A 150 15.25 18.48 5.77
C PRO A 150 13.78 18.15 5.73
N VAL A 151 13.10 18.43 6.84
CA VAL A 151 11.65 18.22 7.00
C VAL A 151 11.09 19.54 7.50
N ASP A 152 10.24 20.19 6.70
CA ASP A 152 9.62 21.44 7.09
C ASP A 152 8.24 21.12 7.62
N ASN A 153 8.04 21.35 8.91
CA ASN A 153 6.76 21.07 9.58
C ASN A 153 6.09 22.42 9.80
N VAL A 154 5.09 22.74 8.99
CA VAL A 154 4.42 24.03 9.09
C VAL A 154 3.20 23.89 9.99
N TYR A 155 2.99 24.89 10.83
CA TYR A 155 1.88 24.85 11.78
C TYR A 155 0.63 25.44 11.15
N SER A 156 -0.52 24.82 11.42
CA SER A 156 -1.81 25.32 10.96
C SER A 156 -2.36 26.44 11.82
N THR A 157 -1.70 26.75 12.94
CA THR A 157 -2.23 27.71 13.91
C THR A 157 -2.71 29.03 13.30
N PRO A 158 -1.99 29.68 12.38
CA PRO A 158 -2.48 30.98 11.89
C PRO A 158 -3.84 30.90 11.22
N VAL A 159 -4.10 29.86 10.42
CA VAL A 159 -5.38 29.75 9.74
C VAL A 159 -6.48 29.38 10.71
N LEU A 160 -6.19 28.47 11.66
CA LEU A 160 -7.18 28.17 12.68
C LEU A 160 -7.47 29.38 13.55
N LEU A 161 -6.42 30.14 13.91
CA LEU A 161 -6.62 31.36 14.71
C LEU A 161 -7.48 32.38 13.99
N GLU A 162 -7.23 32.58 12.69
CA GLU A 162 -7.99 33.57 11.95
C GLU A 162 -9.47 33.21 11.92
N ASP A 163 -9.78 31.92 11.78
CA ASP A 163 -11.19 31.52 11.78
C ASP A 163 -11.81 31.68 13.15
N ILE A 164 -11.09 31.30 14.21
CA ILE A 164 -11.58 31.53 15.58
C ILE A 164 -11.91 33.00 15.79
N THR A 165 -11.04 33.89 15.29
CA THR A 165 -11.27 35.33 15.45
C THR A 165 -12.58 35.76 14.80
N LYS A 166 -12.90 35.21 13.62
CA LYS A 166 -14.15 35.57 12.92
C LYS A 166 -15.39 35.22 13.72
N GLN A 167 -15.28 34.29 14.67
CA GLN A 167 -16.45 33.89 15.45
C GLN A 167 -16.84 34.95 16.47
N LYS A 168 -15.93 35.88 16.76
CA LYS A 168 -16.21 37.03 17.63
C LYS A 168 -16.74 36.57 18.99
N LEU A 169 -16.01 35.65 19.60
CA LEU A 169 -16.36 35.08 20.90
C LEU A 169 -15.68 35.84 22.01
N ASN A 170 -16.32 35.88 23.16
CA ASN A 170 -15.65 36.28 24.40
C ASN A 170 -15.60 35.07 25.33
N ASN A 171 -14.88 35.22 26.44
CA ASN A 171 -14.80 34.17 27.48
C ASN A 171 -14.27 32.86 26.93
N ILE A 172 -13.22 32.93 26.11
CA ILE A 172 -12.70 31.75 25.42
C ILE A 172 -11.86 30.92 26.39
N MET A 173 -12.06 29.61 26.37
CA MET A 173 -11.14 28.68 27.02
C MET A 173 -10.72 27.61 26.02
N ILE A 174 -9.42 27.46 25.86
CA ILE A 174 -8.88 26.43 24.97
C ILE A 174 -8.78 25.14 25.76
N VAL A 175 -9.19 24.03 25.14
CA VAL A 175 -9.22 22.73 25.83
C VAL A 175 -8.34 21.76 25.06
N SER A 176 -7.35 21.17 25.75
CA SER A 176 -6.61 20.05 25.20
C SER A 176 -7.35 18.75 25.53
N PRO A 177 -7.73 17.95 24.55
CA PRO A 177 -8.61 16.79 24.84
C PRO A 177 -7.86 15.60 25.41
N ASP A 178 -6.54 15.67 25.49
CA ASP A 178 -5.74 14.66 26.17
C ASP A 178 -4.48 15.34 26.69
N VAL A 179 -3.70 14.59 27.47
CA VAL A 179 -2.48 15.16 28.04
C VAL A 179 -1.36 15.30 27.03
N GLY A 180 -1.47 14.64 25.87
CA GLY A 180 -0.48 14.80 24.84
C GLY A 180 -0.67 16.01 23.95
N GLY A 181 -1.85 16.62 23.98
CA GLY A 181 -2.11 17.76 23.12
C GLY A 181 -1.97 19.11 23.77
N VAL A 182 -1.29 19.20 24.92
CA VAL A 182 -1.26 20.47 25.64
C VAL A 182 -0.40 21.49 24.90
N VAL A 183 0.67 21.05 24.25
CA VAL A 183 1.56 21.99 23.55
C VAL A 183 0.82 22.68 22.41
N ARG A 184 0.10 21.90 21.59
CA ARG A 184 -0.66 22.48 20.49
C ARG A 184 -1.81 23.36 21.00
N ALA A 185 -2.44 22.95 22.10
CA ALA A 185 -3.52 23.75 22.66
C ALA A 185 -3.01 25.07 23.22
N ARG A 186 -1.87 25.04 23.92
CA ARG A 186 -1.28 26.26 24.46
C ARG A 186 -0.90 27.25 23.36
N ALA A 187 -0.45 26.73 22.20
CA ALA A 187 -0.07 27.61 21.10
C ALA A 187 -1.25 28.43 20.60
N VAL A 188 -2.46 27.88 20.66
CA VAL A 188 -3.63 28.66 20.30
C VAL A 188 -4.00 29.63 21.42
N ALA A 189 -4.01 29.15 22.67
CA ALA A 189 -4.38 30.00 23.79
C ALA A 189 -3.45 31.21 23.92
N LYS A 190 -2.15 31.01 23.67
CA LYS A 190 -1.18 32.10 23.73
C LYS A 190 -1.59 33.29 22.86
N ARG A 191 -2.14 33.01 21.68
CA ARG A 191 -2.44 34.04 20.70
C ARG A 191 -3.83 34.63 20.87
N LEU A 192 -4.61 34.14 21.83
CA LEU A 192 -5.93 34.70 22.08
C LEU A 192 -5.91 35.49 23.39
N ASN A 193 -5.08 36.53 23.43
CA ASN A 193 -4.89 37.37 24.63
CA ASN A 193 -4.92 37.36 24.63
C ASN A 193 -4.53 36.51 25.83
N ASP A 194 -3.71 35.48 25.60
CA ASP A 194 -3.31 34.52 26.61
C ASP A 194 -4.54 33.96 27.32
N ALA A 195 -5.38 33.28 26.54
CA ALA A 195 -6.65 32.74 27.03
C ALA A 195 -6.41 31.61 28.02
N GLU A 196 -7.47 31.27 28.75
CA GLU A 196 -7.40 30.17 29.71
C GLU A 196 -7.25 28.84 28.97
N LEU A 197 -6.64 27.88 29.67
CA LEU A 197 -6.38 26.57 29.09
C LEU A 197 -6.83 25.51 30.09
N SER A 198 -7.56 24.51 29.61
CA SER A 198 -7.95 23.36 30.41
CA SER A 198 -7.92 23.37 30.43
C SER A 198 -7.50 22.08 29.71
N ILE A 199 -7.36 21.02 30.49
CA ILE A 199 -6.86 19.75 29.96
C ILE A 199 -7.80 18.63 30.38
N ILE A 200 -8.17 17.76 29.44
CA ILE A 200 -8.96 16.57 29.73
C ILE A 200 -8.03 15.44 30.15
N ASP A 201 -8.34 14.80 31.28
CA ASP A 201 -7.51 13.76 31.89
C ASP A 201 -8.41 12.55 32.14
N LYS A 202 -8.37 11.57 31.24
CA LYS A 202 -9.16 10.35 31.40
C LYS A 202 -8.41 9.34 32.28
N ARG A 203 -9.15 8.67 33.15
CA ARG A 203 -8.56 7.73 34.10
C ARG A 203 -9.31 6.41 34.08
N ARG A 204 -8.69 5.39 34.67
CA ARG A 204 -9.19 4.02 34.72
C ARG A 204 -9.45 3.47 33.32
N GLU A 211 -11.75 5.05 31.53
CA GLU A 211 -13.14 4.87 31.96
C GLU A 211 -13.84 6.21 32.15
N VAL A 212 -13.36 7.01 33.10
CA VAL A 212 -14.00 8.27 33.45
C VAL A 212 -13.06 9.42 33.13
N MET A 213 -13.61 10.48 32.54
CA MET A 213 -12.84 11.65 32.17
C MET A 213 -12.96 12.73 33.24
N HIS A 214 -11.85 13.40 33.50
CA HIS A 214 -11.79 14.52 34.43
C HIS A 214 -11.28 15.75 33.69
N ILE A 215 -11.87 16.91 33.99
CA ILE A 215 -11.40 18.17 33.44
C ILE A 215 -10.48 18.82 34.46
N ILE A 216 -9.26 19.14 34.03
CA ILE A 216 -8.36 19.96 34.81
C ILE A 216 -8.57 21.39 34.35
N GLY A 217 -9.25 22.19 35.17
CA GLY A 217 -9.70 23.51 34.78
C GLY A 217 -11.19 23.67 35.02
N GLU A 218 -11.65 24.91 34.88
CA GLU A 218 -13.04 25.27 35.15
C GLU A 218 -13.73 25.71 33.87
N PRO A 219 -14.61 24.91 33.29
CA PRO A 219 -15.28 25.28 32.04
C PRO A 219 -16.64 25.95 32.17
N ALA A 220 -17.17 26.09 33.40
CA ALA A 220 -18.50 26.65 33.56
C ALA A 220 -18.60 28.03 32.89
N ASN A 221 -19.64 28.19 32.08
CA ASN A 221 -19.96 29.45 31.39
C ASN A 221 -18.83 29.91 30.46
N LYS A 222 -18.00 28.98 29.97
CA LYS A 222 -16.94 29.32 29.03
C LYS A 222 -17.34 28.88 27.63
N ASN A 223 -16.91 29.65 26.64
CA ASN A 223 -16.96 29.22 25.24
C ASN A 223 -15.71 28.39 25.00
N CYS A 224 -15.87 27.06 25.08
CA CYS A 224 -14.74 26.14 25.03
C CYS A 224 -14.40 25.79 23.59
N ILE A 225 -13.11 25.75 23.29
CA ILE A 225 -12.60 25.42 21.97
C ILE A 225 -11.58 24.30 22.12
N ILE A 226 -11.97 23.08 21.76
CA ILE A 226 -11.06 21.94 21.79
C ILE A 226 -10.10 22.06 20.60
N VAL A 227 -8.81 21.88 20.86
CA VAL A 227 -7.78 21.96 19.81
C VAL A 227 -7.01 20.65 19.76
N ASP A 228 -6.78 20.12 18.57
CA ASP A 228 -6.05 18.86 18.42
C ASP A 228 -5.48 18.78 17.00
N ASP A 229 -4.57 17.82 16.80
CA ASP A 229 -4.02 17.65 15.44
C ASP A 229 -4.86 16.74 14.55
N ILE A 230 -5.44 15.67 15.10
CA ILE A 230 -6.15 14.67 14.30
C ILE A 230 -7.51 14.41 14.94
N VAL A 231 -8.56 14.36 14.12
CA VAL A 231 -9.84 13.77 14.55
C VAL A 231 -10.02 12.50 13.74
N ASP A 232 -10.01 11.36 14.43
CA ASP A 232 -10.03 10.06 13.77
C ASP A 232 -11.40 9.46 13.98
N THR A 233 -11.63 8.70 15.03
CA THR A 233 -12.98 8.21 15.31
C THR A 233 -13.86 9.25 15.98
N ALA A 234 -13.28 10.36 16.44
CA ALA A 234 -13.95 11.42 17.20
C ALA A 234 -14.47 10.95 18.55
N GLY A 235 -14.08 9.74 18.98
CA GLY A 235 -14.58 9.25 20.26
C GLY A 235 -14.20 10.14 21.42
N THR A 236 -12.92 10.47 21.51
CA THR A 236 -12.49 11.31 22.62
C THR A 236 -12.95 12.74 22.43
N LEU A 237 -12.98 13.23 21.20
CA LEU A 237 -13.50 14.56 20.93
C LEU A 237 -14.92 14.72 21.45
N CYS A 238 -15.78 13.73 21.20
CA CYS A 238 -17.17 13.85 21.58
C CYS A 238 -17.38 13.63 23.07
N THR A 239 -16.65 12.68 23.66
CA THR A 239 -16.74 12.50 25.11
C THR A 239 -16.20 13.72 25.83
N ALA A 240 -15.15 14.35 25.30
CA ALA A 240 -14.67 15.61 25.86
C ALA A 240 -15.75 16.69 25.78
N ALA A 241 -16.45 16.78 24.65
CA ALA A 241 -17.50 17.78 24.51
C ALA A 241 -18.64 17.54 25.49
N HIS A 242 -19.05 16.28 25.65
CA HIS A 242 -20.12 15.95 26.59
C HIS A 242 -19.73 16.34 28.01
N GLU A 243 -18.50 16.00 28.40
CA GLU A 243 -18.03 16.31 29.76
CA GLU A 243 -18.08 16.32 29.77
C GLU A 243 -17.94 17.82 29.98
N LEU A 244 -17.51 18.56 28.96
CA LEU A 244 -17.45 20.01 29.08
C LEU A 244 -18.84 20.61 29.26
N LYS A 245 -19.81 20.12 28.49
CA LYS A 245 -21.18 20.61 28.64
C LYS A 245 -21.78 20.20 29.97
N LYS A 246 -21.54 18.96 30.40
CA LYS A 246 -22.04 18.51 31.70
C LYS A 246 -21.50 19.36 32.84
N ASN A 247 -20.35 20.00 32.64
CA ASN A 247 -19.78 20.91 33.63
C ASN A 247 -20.04 22.38 33.28
N GLY A 248 -21.07 22.64 32.50
CA GLY A 248 -21.59 23.99 32.35
C GLY A 248 -20.94 24.86 31.31
N ALA A 249 -20.33 24.27 30.28
CA ALA A 249 -19.76 25.07 29.20
C ALA A 249 -20.86 25.84 28.47
N LYS A 250 -20.58 27.10 28.18
CA LYS A 250 -21.51 27.93 27.41
C LYS A 250 -21.65 27.42 25.97
N SER A 251 -20.56 26.93 25.39
CA SER A 251 -20.58 26.29 24.09
C SER A 251 -19.29 25.50 23.95
N VAL A 252 -19.30 24.55 23.02
CA VAL A 252 -18.12 23.73 22.72
C VAL A 252 -17.95 23.68 21.22
N ARG A 253 -16.76 24.03 20.74
CA ARG A 253 -16.40 23.77 19.36
C ARG A 253 -15.02 23.15 19.32
N ALA A 254 -14.62 22.72 18.13
CA ALA A 254 -13.33 22.06 17.98
C ALA A 254 -12.64 22.56 16.71
N TYR A 255 -11.35 22.81 16.82
CA TYR A 255 -10.48 23.16 15.70
C TYR A 255 -9.40 22.11 15.62
N ILE A 256 -9.43 21.31 14.56
CA ILE A 256 -8.60 20.12 14.46
C ILE A 256 -8.00 20.09 13.07
N THR A 257 -6.68 19.94 12.98
CA THR A 257 -6.02 20.11 11.67
C THR A 257 -6.49 19.06 10.68
N HIS A 258 -6.31 17.78 11.00
CA HIS A 258 -6.40 16.70 10.02
C HIS A 258 -7.69 15.91 10.18
N PRO A 259 -8.63 15.99 9.23
CA PRO A 259 -9.91 15.26 9.37
C PRO A 259 -9.83 13.84 8.81
N VAL A 260 -9.31 12.94 9.64
CA VAL A 260 -9.25 11.52 9.26
C VAL A 260 -10.65 10.91 9.25
N LEU A 261 -11.43 11.15 10.31
CA LEU A 261 -12.87 10.87 10.32
C LEU A 261 -13.19 9.43 9.89
N SER A 262 -12.57 8.46 10.54
CA SER A 262 -12.81 7.06 10.24
C SER A 262 -14.02 6.52 11.01
N GLY A 263 -14.51 5.38 10.55
CA GLY A 263 -15.55 4.65 11.25
C GLY A 263 -16.76 5.49 11.64
N PRO A 264 -17.09 5.54 12.92
CA PRO A 264 -18.28 6.23 13.38
C PRO A 264 -18.13 7.74 13.53
N ALA A 265 -17.04 8.33 13.03
CA ALA A 265 -16.70 9.71 13.38
C ALA A 265 -17.81 10.69 13.00
N VAL A 266 -18.33 10.60 11.77
CA VAL A 266 -19.32 11.58 11.35
C VAL A 266 -20.59 11.46 12.18
N ASN A 267 -21.07 10.23 12.39
CA ASN A 267 -22.24 10.05 13.25
C ASN A 267 -21.95 10.48 14.68
N ASN A 268 -20.74 10.21 15.19
CA ASN A 268 -20.40 10.66 16.53
C ASN A 268 -20.52 12.17 16.64
N ILE A 269 -20.00 12.88 15.65
CA ILE A 269 -20.04 14.35 15.67
C ILE A 269 -21.46 14.84 15.53
N LYS A 270 -22.22 14.25 14.59
CA LYS A 270 -23.59 14.67 14.36
C LYS A 270 -24.42 14.61 15.64
N HIS A 271 -24.22 13.55 16.44
CA HIS A 271 -25.03 13.33 17.63
C HIS A 271 -24.39 13.88 18.90
N SER A 272 -23.29 14.63 18.78
CA SER A 272 -22.59 15.16 19.92
C SER A 272 -23.10 16.55 20.28
N GLY A 273 -22.55 17.11 21.35
CA GLY A 273 -22.85 18.47 21.75
C GLY A 273 -21.93 19.52 21.17
N LEU A 274 -21.18 19.19 20.13
CA LEU A 274 -20.30 20.16 19.49
C LEU A 274 -21.13 21.15 18.67
N ASP A 275 -20.87 22.44 18.86
CA ASP A 275 -21.46 23.44 17.99
C ASP A 275 -20.95 23.31 16.57
N GLU A 276 -19.63 23.15 16.41
CA GLU A 276 -19.01 23.09 15.11
C GLU A 276 -17.66 22.39 15.27
N VAL A 277 -17.25 21.68 14.23
CA VAL A 277 -15.91 21.10 14.14
C VAL A 277 -15.27 21.67 12.89
N VAL A 278 -14.27 22.53 13.06
CA VAL A 278 -13.55 23.15 11.95
C VAL A 278 -12.25 22.38 11.72
N VAL A 279 -12.03 21.97 10.47
CA VAL A 279 -10.87 21.17 10.06
C VAL A 279 -10.23 21.83 8.86
N THR A 280 -8.97 21.44 8.56
CA THR A 280 -8.35 21.94 7.33
C THR A 280 -8.55 20.96 6.17
N ASP A 281 -7.99 21.32 5.00
CA ASP A 281 -8.11 20.49 3.80
C ASP A 281 -6.84 19.66 3.51
N THR A 282 -6.09 19.28 4.56
CA THR A 282 -4.98 18.35 4.34
C THR A 282 -5.47 16.99 3.89
N ILE A 283 -6.71 16.65 4.25
CA ILE A 283 -7.34 15.37 3.89
C ILE A 283 -8.70 15.71 3.33
N PRO A 284 -9.09 15.21 2.15
CA PRO A 284 -10.42 15.56 1.65
C PRO A 284 -11.50 14.87 2.47
N LEU A 285 -12.66 15.52 2.56
CA LEU A 285 -13.79 14.94 3.26
C LEU A 285 -14.53 13.96 2.38
N SER A 286 -15.01 12.88 2.98
CA SER A 286 -15.91 11.96 2.28
C SER A 286 -17.22 12.67 1.93
N ALA A 287 -17.98 12.05 1.04
CA ALA A 287 -19.30 12.60 0.71
C ALA A 287 -20.16 12.73 1.96
N GLU A 288 -20.13 11.73 2.84
CA GLU A 288 -20.90 11.77 4.08
C GLU A 288 -20.46 12.93 4.97
N ALA A 289 -19.14 13.16 5.09
CA ALA A 289 -18.65 14.26 5.91
C ALA A 289 -18.97 15.61 5.28
N GLN A 290 -18.95 15.70 3.94
CA GLN A 290 -19.35 16.93 3.27
C GLN A 290 -20.81 17.26 3.54
N ASN A 291 -21.64 16.27 3.86
CA ASN A 291 -23.04 16.49 4.14
C ASN A 291 -23.32 16.74 5.62
N CYS A 292 -22.30 16.69 6.46
CA CYS A 292 -22.48 16.86 7.90
C CYS A 292 -22.39 18.34 8.23
N GLU A 293 -23.52 18.93 8.64
CA GLU A 293 -23.59 20.38 8.81
C GLU A 293 -22.68 20.89 9.92
N LYS A 294 -22.26 20.04 10.84
CA LYS A 294 -21.40 20.47 11.92
CA LYS A 294 -21.39 20.48 11.92
C LYS A 294 -19.93 20.58 11.52
N ILE A 295 -19.55 20.04 10.36
CA ILE A 295 -18.14 20.03 9.94
C ILE A 295 -17.94 21.10 8.88
N ARG A 296 -16.89 21.91 9.05
CA ARG A 296 -16.58 22.98 8.11
C ARG A 296 -15.09 23.00 7.85
N VAL A 297 -14.69 23.26 6.60
CA VAL A 297 -13.30 23.19 6.17
C VAL A 297 -12.75 24.60 5.97
N VAL A 298 -11.53 24.83 6.44
CA VAL A 298 -10.77 26.04 6.12
C VAL A 298 -9.49 25.59 5.42
N SER A 299 -9.01 26.42 4.49
CA SER A 299 -7.99 25.95 3.56
C SER A 299 -6.58 26.37 3.97
N LEU A 300 -5.63 25.45 3.76
CA LEU A 300 -4.20 25.71 3.90
C LEU A 300 -3.50 25.87 2.55
N ALA A 301 -4.26 26.01 1.45
CA ALA A 301 -3.63 26.07 0.14
C ALA A 301 -2.68 27.26 0.02
N ASP A 302 -3.09 28.43 0.55
CA ASP A 302 -2.22 29.60 0.47
C ASP A 302 -0.95 29.40 1.29
N MET A 303 -1.10 28.89 2.51
CA MET A 303 0.05 28.63 3.37
C MET A 303 1.01 27.65 2.73
N LEU A 304 0.48 26.60 2.10
CA LEU A 304 1.35 25.59 1.47
C LEU A 304 2.01 26.16 0.21
N ALA A 305 1.28 26.97 -0.56
CA ALA A 305 1.89 27.59 -1.72
C ALA A 305 3.04 28.49 -1.30
N GLN A 306 2.86 29.26 -0.22
CA GLN A 306 3.92 30.13 0.25
C GLN A 306 5.12 29.32 0.73
N ALA A 307 4.88 28.19 1.40
CA ALA A 307 5.97 27.34 1.85
C ALA A 307 6.73 26.76 0.66
N ILE A 308 6.02 26.37 -0.39
CA ILE A 308 6.68 25.82 -1.58
C ILE A 308 7.53 26.89 -2.26
N LYS A 309 7.00 28.11 -2.36
CA LYS A 309 7.77 29.20 -2.96
C LYS A 309 9.04 29.47 -2.18
N ARG A 310 8.97 29.37 -0.84
CA ARG A 310 10.14 29.65 0.00
C ARG A 310 11.26 28.64 -0.23
N VAL A 311 10.94 27.39 -0.55
CA VAL A 311 12.01 26.42 -0.76
C VAL A 311 12.44 26.33 -2.22
N ASN A 312 11.68 26.91 -3.15
CA ASN A 312 11.99 26.75 -4.57
C ASN A 312 13.28 27.47 -4.97
N VAL A 313 14.14 26.76 -5.69
CA VAL A 313 15.42 27.29 -6.13
C VAL A 313 15.80 26.65 -7.46
N SER B 10 12.74 -26.81 15.03
CA SER B 10 13.21 -26.45 16.36
C SER B 10 13.40 -24.94 16.46
N THR B 11 14.16 -24.39 15.52
CA THR B 11 14.38 -22.95 15.45
C THR B 11 13.34 -22.23 14.57
N MET B 12 12.51 -22.98 13.85
CA MET B 12 11.66 -22.38 12.83
C MET B 12 10.38 -21.82 13.43
N MET B 13 10.00 -20.62 12.99
CA MET B 13 8.67 -20.07 13.22
C MET B 13 8.12 -19.54 11.91
N ILE B 14 6.81 -19.62 11.76
CA ILE B 14 6.14 -19.07 10.58
C ILE B 14 5.05 -18.12 11.04
N PHE B 15 4.92 -17.01 10.30
CA PHE B 15 3.83 -16.07 10.48
C PHE B 15 3.22 -15.82 9.11
N THR B 16 1.99 -15.32 9.10
CA THR B 16 1.36 -14.96 7.84
C THR B 16 0.58 -13.66 8.02
N GLY B 17 0.48 -12.91 6.93
CA GLY B 17 -0.43 -11.79 6.86
C GLY B 17 -1.77 -12.25 6.32
N ASN B 18 -2.49 -11.31 5.73
CA ASN B 18 -3.85 -11.59 5.25
C ASN B 18 -3.91 -11.92 3.77
N ALA B 19 -2.77 -11.99 3.07
CA ALA B 19 -2.79 -12.17 1.62
C ALA B 19 -3.37 -13.52 1.22
N ASN B 20 -3.01 -14.58 1.94
CA ASN B 20 -3.41 -15.92 1.52
C ASN B 20 -3.34 -16.84 2.72
N PRO B 21 -4.24 -16.67 3.69
CA PRO B 21 -4.19 -17.51 4.89
C PRO B 21 -4.40 -18.99 4.61
N GLU B 22 -5.16 -19.35 3.58
CA GLU B 22 -5.40 -20.76 3.32
C GLU B 22 -4.10 -21.46 2.93
N LEU B 23 -3.31 -20.84 2.05
CA LEU B 23 -2.01 -21.42 1.71
C LEU B 23 -1.10 -21.48 2.92
N ALA B 24 -1.06 -20.39 3.71
CA ALA B 24 -0.24 -20.39 4.92
C ALA B 24 -0.58 -21.56 5.82
N LEU B 25 -1.88 -21.82 6.01
CA LEU B 25 -2.30 -22.91 6.88
C LEU B 25 -1.94 -24.27 6.30
N LYS B 26 -2.00 -24.43 4.97
CA LYS B 26 -1.57 -25.68 4.37
C LYS B 26 -0.07 -25.90 4.53
N ILE B 27 0.72 -24.84 4.32
CA ILE B 27 2.16 -24.95 4.54
C ILE B 27 2.44 -25.33 5.98
N SER B 28 1.76 -24.65 6.92
CA SER B 28 1.88 -24.98 8.34
C SER B 28 1.58 -26.44 8.60
N SER B 29 0.54 -26.98 7.96
CA SER B 29 0.18 -28.38 8.15
C SER B 29 1.28 -29.31 7.66
N HIS B 30 1.89 -28.99 6.52
CA HIS B 30 2.97 -29.83 6.00
C HIS B 30 4.21 -29.76 6.88
N LEU B 31 4.55 -28.57 7.37
CA LEU B 31 5.72 -28.41 8.23
C LEU B 31 5.49 -28.97 9.63
N GLN B 32 4.22 -29.16 10.01
CA GLN B 32 3.88 -29.61 11.35
CA GLN B 32 3.85 -29.59 11.36
C GLN B 32 4.39 -28.62 12.41
N ILE B 33 4.31 -27.33 12.09
CA ILE B 33 4.58 -26.30 13.09
C ILE B 33 3.43 -25.30 13.01
N PRO B 34 2.95 -24.78 14.13
CA PRO B 34 1.78 -23.90 14.10
C PRO B 34 2.13 -22.53 13.53
N ILE B 35 1.10 -21.82 13.11
CA ILE B 35 1.29 -20.43 12.70
C ILE B 35 1.47 -19.58 13.95
N GLY B 36 2.51 -18.75 13.94
CA GLY B 36 2.76 -17.90 15.09
C GLY B 36 1.65 -16.88 15.29
N LYS B 37 1.42 -16.54 16.56
CA LYS B 37 0.37 -15.58 16.89
C LYS B 37 0.86 -14.18 16.56
N ALA B 38 0.02 -13.41 15.87
CA ALA B 38 0.36 -12.03 15.56
C ALA B 38 -0.91 -11.31 15.15
N THR B 39 -1.05 -10.07 15.59
CA THR B 39 -2.11 -9.21 15.09
C THR B 39 -1.64 -8.61 13.78
N VAL B 40 -2.38 -8.87 12.70
CA VAL B 40 -2.10 -8.29 11.39
C VAL B 40 -3.42 -7.77 10.84
N GLY B 41 -3.60 -6.47 10.86
CA GLY B 41 -4.88 -5.90 10.43
C GLY B 41 -4.74 -4.43 10.12
N THR B 42 -5.71 -3.64 10.55
CA THR B 42 -5.67 -2.19 10.36
C THR B 42 -6.15 -1.49 11.62
N PHE B 43 -5.65 -0.28 11.82
CA PHE B 43 -6.32 0.64 12.73
C PHE B 43 -7.64 1.07 12.11
N SER B 44 -8.44 1.79 12.91
CA SER B 44 -9.75 2.23 12.43
C SER B 44 -9.66 3.02 11.13
N ASP B 45 -8.57 3.79 10.96
CA ASP B 45 -8.43 4.65 9.78
C ASP B 45 -7.87 3.92 8.57
N GLY B 46 -7.60 2.62 8.68
CA GLY B 46 -7.09 1.83 7.59
C GLY B 46 -5.58 1.62 7.62
N GLU B 47 -4.84 2.35 8.45
CA GLU B 47 -3.40 2.15 8.46
C GLU B 47 -3.07 0.73 8.90
N THR B 48 -2.09 0.12 8.25
CA THR B 48 -1.71 -1.25 8.56
C THR B 48 -1.23 -1.34 10.01
N MET B 49 -1.74 -2.36 10.73
CA MET B 49 -1.46 -2.53 12.14
CA MET B 49 -1.49 -2.53 12.15
C MET B 49 -0.88 -3.90 12.40
N VAL B 50 0.28 -3.96 13.07
CA VAL B 50 0.95 -5.22 13.34
C VAL B 50 1.44 -5.27 14.79
N GLU B 51 1.24 -6.42 15.45
CA GLU B 51 1.94 -6.73 16.69
C GLU B 51 2.26 -8.22 16.70
N ILE B 52 3.54 -8.56 16.83
CA ILE B 52 3.96 -9.95 16.98
C ILE B 52 3.66 -10.40 18.41
N LEU B 53 2.98 -11.53 18.55
CA LEU B 53 2.52 -12.01 19.85
C LEU B 53 3.23 -13.29 20.26
N GLU B 54 4.51 -13.40 19.90
CA GLU B 54 5.37 -14.51 20.27
C GLU B 54 6.77 -13.95 20.55
N ASN B 55 7.49 -14.64 21.42
CA ASN B 55 8.93 -14.39 21.54
C ASN B 55 9.62 -14.98 20.31
N VAL B 56 10.29 -14.14 19.54
CA VAL B 56 10.98 -14.58 18.33
C VAL B 56 12.49 -14.46 18.45
N ARG B 57 13.02 -14.18 19.64
CA ARG B 57 14.44 -13.87 19.76
C ARG B 57 15.30 -15.04 19.29
N GLY B 58 16.18 -14.77 18.34
CA GLY B 58 17.07 -15.78 17.81
C GLY B 58 16.43 -16.81 16.90
N LYS B 59 15.13 -16.72 16.64
CA LYS B 59 14.45 -17.74 15.85
C LYS B 59 14.64 -17.51 14.35
N ASP B 60 14.49 -18.60 13.59
CA ASP B 60 14.55 -18.58 12.13
C ASP B 60 13.12 -18.35 11.62
N VAL B 61 12.78 -17.11 11.31
CA VAL B 61 11.38 -16.72 11.10
C VAL B 61 11.08 -16.62 9.61
N PHE B 62 9.96 -17.22 9.20
CA PHE B 62 9.45 -17.17 7.83
C PHE B 62 8.10 -16.45 7.82
N VAL B 63 7.99 -15.40 7.02
CA VAL B 63 6.73 -14.68 6.87
C VAL B 63 6.13 -15.08 5.52
N LEU B 64 4.94 -15.67 5.56
CA LEU B 64 4.28 -16.19 4.36
C LEU B 64 3.32 -15.12 3.87
N GLN B 65 3.62 -14.50 2.71
CA GLN B 65 2.78 -13.41 2.24
C GLN B 65 3.03 -13.18 0.74
N SER B 66 2.11 -13.65 -0.10
CA SER B 66 2.08 -13.18 -1.48
C SER B 66 1.77 -11.69 -1.52
N THR B 67 2.32 -10.99 -2.50
CA THR B 67 1.95 -9.58 -2.71
C THR B 67 1.00 -9.45 -3.90
N CYS B 68 -0.03 -10.30 -3.90
CA CYS B 68 -1.16 -10.20 -4.80
C CYS B 68 -2.10 -9.09 -4.34
N ALA B 69 -3.14 -8.82 -5.13
CA ALA B 69 -4.10 -7.78 -4.77
C ALA B 69 -4.77 -8.10 -3.43
N PRO B 70 -4.93 -7.11 -2.53
CA PRO B 70 -4.48 -5.71 -2.65
C PRO B 70 -2.97 -5.61 -2.43
N ALA B 71 -2.25 -5.27 -3.50
CA ALA B 71 -0.80 -5.42 -3.51
C ALA B 71 -0.14 -4.54 -2.46
N ASN B 72 -0.50 -3.25 -2.40
CA ASN B 72 0.23 -2.36 -1.50
C ASN B 72 -0.07 -2.68 -0.04
N ASN B 73 -1.30 -3.07 0.25
CA ASN B 73 -1.65 -3.45 1.62
C ASN B 73 -0.94 -4.74 2.00
N ASN B 74 -0.94 -5.74 1.11
CA ASN B 74 -0.26 -6.99 1.44
C ASN B 74 1.24 -6.80 1.57
N LEU B 75 1.83 -5.95 0.71
CA LEU B 75 3.24 -5.62 0.86
C LEU B 75 3.52 -4.89 2.16
N MET B 76 2.69 -3.91 2.53
CA MET B 76 2.96 -3.19 3.77
C MET B 76 2.88 -4.12 4.97
N GLU B 77 1.91 -5.05 4.98
CA GLU B 77 1.88 -6.04 6.07
C GLU B 77 3.21 -6.78 6.16
N LEU B 78 3.69 -7.29 5.02
CA LEU B 78 4.96 -8.01 5.03
C LEU B 78 6.09 -7.12 5.56
N LEU B 79 6.18 -5.89 5.06
CA LEU B 79 7.30 -5.03 5.43
C LEU B 79 7.30 -4.68 6.91
N ILE B 80 6.13 -4.34 7.48
CA ILE B 80 6.17 -3.93 8.88
C ILE B 80 6.07 -5.12 9.83
N MET B 81 5.62 -6.29 9.36
CA MET B 81 5.88 -7.52 10.11
C MET B 81 7.38 -7.75 10.25
N ALA B 82 8.12 -7.60 9.13
CA ALA B 82 9.57 -7.73 9.18
C ALA B 82 10.17 -6.68 10.12
N ASP B 83 9.72 -5.43 10.02
CA ASP B 83 10.26 -4.39 10.90
C ASP B 83 10.02 -4.73 12.36
N ALA B 84 8.83 -5.23 12.68
CA ALA B 84 8.55 -5.60 14.06
C ALA B 84 9.41 -6.78 14.50
N LEU B 85 9.55 -7.79 13.64
CA LEU B 85 10.37 -8.94 13.97
C LEU B 85 11.84 -8.55 14.18
N ARG B 86 12.34 -7.65 13.33
CA ARG B 86 13.73 -7.26 13.41
C ARG B 86 14.05 -6.57 14.73
N ARG B 87 13.22 -5.59 15.11
CA ARG B 87 13.41 -4.89 16.37
CA ARG B 87 13.46 -4.91 16.37
C ARG B 87 13.18 -5.80 17.57
N SER B 88 12.45 -6.90 17.38
CA SER B 88 12.25 -7.95 18.38
C SER B 88 13.34 -9.01 18.38
N SER B 89 14.41 -8.79 17.61
CA SER B 89 15.62 -9.62 17.59
C SER B 89 15.40 -11.03 17.03
N ALA B 90 14.52 -11.20 16.05
CA ALA B 90 14.50 -12.45 15.30
C ALA B 90 15.90 -12.78 14.79
N GLY B 91 16.22 -14.07 14.74
CA GLY B 91 17.54 -14.47 14.27
C GLY B 91 17.71 -14.28 12.78
N ARG B 92 16.68 -14.65 12.01
CA ARG B 92 16.68 -14.46 10.57
CA ARG B 92 16.67 -14.47 10.57
C ARG B 92 15.23 -14.23 10.15
N ILE B 93 15.04 -13.44 9.09
CA ILE B 93 13.71 -13.14 8.56
C ILE B 93 13.72 -13.48 7.08
N THR B 94 12.89 -14.44 6.70
CA THR B 94 12.75 -14.85 5.31
C THR B 94 11.36 -14.49 4.82
N ALA B 95 11.28 -13.78 3.71
CA ALA B 95 10.01 -13.45 3.07
C ALA B 95 9.66 -14.54 2.07
N VAL B 96 8.62 -15.31 2.37
CA VAL B 96 8.08 -16.31 1.46
C VAL B 96 6.93 -15.63 0.73
N VAL B 97 7.17 -15.26 -0.53
CA VAL B 97 6.27 -14.43 -1.31
C VAL B 97 5.91 -15.24 -2.55
N PRO B 98 4.98 -16.20 -2.45
CA PRO B 98 4.81 -17.15 -3.57
C PRO B 98 4.50 -16.45 -4.90
N TYR B 99 3.59 -15.49 -4.90
CA TYR B 99 3.40 -14.60 -6.04
C TYR B 99 4.02 -13.24 -5.72
N PHE B 100 5.01 -12.83 -6.52
CA PHE B 100 5.74 -11.58 -6.32
C PHE B 100 5.06 -10.48 -7.13
N GLY B 101 4.24 -9.67 -6.45
CA GLY B 101 3.63 -8.51 -7.11
C GLY B 101 4.68 -7.51 -7.58
N TYR B 102 4.30 -6.74 -8.60
CA TYR B 102 5.10 -5.68 -9.23
C TYR B 102 6.25 -6.22 -10.08
N ALA B 103 6.32 -7.54 -10.27
CA ALA B 103 7.39 -8.13 -11.07
C ALA B 103 7.34 -7.70 -12.53
N ARG B 104 6.17 -7.30 -13.05
CA ARG B 104 6.12 -6.88 -14.46
C ARG B 104 6.68 -5.46 -14.67
N GLN B 105 6.87 -4.69 -13.60
CA GLN B 105 7.48 -3.38 -13.75
C GLN B 105 8.96 -3.51 -13.38
N ASP B 106 9.72 -4.16 -14.27
CA ASP B 106 11.09 -4.53 -13.93
C ASP B 106 12.14 -3.88 -14.84
N ARG B 107 11.75 -2.83 -15.55
CA ARG B 107 12.65 -2.04 -16.39
C ARG B 107 11.84 -0.84 -16.86
N ARG B 108 12.54 0.15 -17.43
CA ARG B 108 11.88 1.28 -18.11
C ARG B 108 11.93 0.97 -19.60
N VAL B 109 10.80 0.51 -20.15
CA VAL B 109 10.81 0.15 -21.57
C VAL B 109 11.10 1.40 -22.40
N ARG B 110 12.17 1.32 -23.21
CA ARG B 110 12.60 2.42 -24.07
C ARG B 110 12.82 3.72 -23.29
N SER B 111 13.32 3.58 -22.06
CA SER B 111 13.64 4.72 -21.20
C SER B 111 12.43 5.62 -20.93
N ALA B 112 11.22 5.04 -20.92
CA ALA B 112 10.03 5.81 -20.59
C ALA B 112 10.12 6.35 -19.17
N ARG B 113 9.40 7.44 -18.91
CA ARG B 113 9.46 8.11 -17.60
C ARG B 113 8.57 7.38 -16.59
N VAL B 114 8.95 6.14 -16.29
CA VAL B 114 8.15 5.25 -15.45
C VAL B 114 9.03 4.79 -14.30
N PRO B 115 8.43 4.28 -13.23
CA PRO B 115 9.24 3.68 -12.15
C PRO B 115 9.71 2.30 -12.53
N ILE B 116 10.75 1.83 -11.83
CA ILE B 116 11.03 0.40 -11.84
C ILE B 116 10.52 -0.14 -10.52
N THR B 117 9.21 -0.40 -10.44
CA THR B 117 8.62 -0.68 -9.14
C THR B 117 9.16 -1.98 -8.53
N ALA B 118 9.49 -2.97 -9.36
CA ALA B 118 10.05 -4.20 -8.79
C ALA B 118 11.34 -3.93 -8.03
N LYS B 119 12.14 -2.97 -8.49
CA LYS B 119 13.37 -2.58 -7.78
C LYS B 119 13.05 -1.75 -6.53
N VAL B 120 12.06 -0.84 -6.62
CA VAL B 120 11.59 -0.15 -5.42
C VAL B 120 11.23 -1.16 -4.34
N VAL B 121 10.51 -2.22 -4.72
CA VAL B 121 10.03 -3.21 -3.77
C VAL B 121 11.18 -4.04 -3.22
N ALA B 122 12.12 -4.43 -4.09
CA ALA B 122 13.30 -5.16 -3.62
C ALA B 122 14.05 -4.36 -2.58
N ASP B 123 14.25 -3.06 -2.84
CA ASP B 123 14.96 -2.21 -1.89
C ASP B 123 14.16 -2.05 -0.58
N MET B 124 12.83 -1.98 -0.69
CA MET B 124 11.98 -1.93 0.50
C MET B 124 12.21 -3.14 1.39
N MET B 125 12.26 -4.32 0.78
CA MET B 125 12.45 -5.54 1.56
C MET B 125 13.82 -5.56 2.22
N ALA B 126 14.87 -5.13 1.50
CA ALA B 126 16.19 -5.06 2.12
C ALA B 126 16.19 -4.07 3.28
N SER B 127 15.49 -2.96 3.12
CA SER B 127 15.53 -1.86 4.08
C SER B 127 14.91 -2.22 5.42
N VAL B 128 14.00 -3.20 5.48
CA VAL B 128 13.42 -3.60 6.77
C VAL B 128 14.12 -4.83 7.35
N GLY B 129 15.18 -5.32 6.71
CA GLY B 129 15.97 -6.39 7.30
C GLY B 129 15.59 -7.79 6.89
N ILE B 130 14.81 -7.95 5.82
CA ILE B 130 14.60 -9.29 5.28
C ILE B 130 15.92 -9.85 4.77
N CYS B 131 16.15 -11.15 5.03
CA CYS B 131 17.43 -11.80 4.73
CA CYS B 131 17.43 -11.79 4.72
C CYS B 131 17.40 -12.71 3.52
N ARG B 132 16.21 -13.11 3.05
CA ARG B 132 16.06 -14.03 1.93
C ARG B 132 14.65 -13.88 1.40
N VAL B 133 14.48 -14.12 0.10
CA VAL B 133 13.16 -14.19 -0.52
C VAL B 133 13.00 -15.56 -1.15
N LEU B 134 11.85 -16.19 -0.91
CA LEU B 134 11.44 -17.42 -1.57
C LEU B 134 10.20 -17.11 -2.36
N THR B 135 10.19 -17.43 -3.66
CA THR B 135 9.08 -17.05 -4.52
C THR B 135 8.90 -18.16 -5.57
N VAL B 136 7.74 -18.17 -6.23
CA VAL B 136 7.42 -19.20 -7.22
C VAL B 136 7.28 -18.55 -8.60
N ASP B 137 7.95 -19.13 -9.59
CA ASP B 137 7.81 -18.72 -10.99
C ASP B 137 7.86 -17.19 -11.14
N LEU B 138 8.96 -16.62 -10.67
CA LEU B 138 9.18 -15.18 -10.82
C LEU B 138 9.01 -14.77 -12.28
N HIS B 139 8.31 -13.66 -12.52
CA HIS B 139 7.98 -13.27 -13.89
C HIS B 139 9.24 -13.16 -14.76
N ALA B 140 10.32 -12.62 -14.19
CA ALA B 140 11.64 -12.65 -14.83
C ALA B 140 12.64 -13.16 -13.80
N ASP B 141 13.31 -14.27 -14.12
CA ASP B 141 14.29 -14.80 -13.19
C ASP B 141 15.39 -13.78 -12.89
N GLN B 142 15.62 -12.84 -13.80
CA GLN B 142 16.64 -11.82 -13.60
C GLN B 142 16.33 -10.92 -12.41
N ILE B 143 15.09 -10.92 -11.91
CA ILE B 143 14.77 -10.13 -10.72
C ILE B 143 15.61 -10.61 -9.53
N GLN B 144 16.15 -11.83 -9.59
CA GLN B 144 17.10 -12.26 -8.55
C GLN B 144 18.20 -11.23 -8.34
N GLY B 145 18.71 -10.65 -9.43
CA GLY B 145 19.78 -9.67 -9.38
C GLY B 145 19.37 -8.31 -8.90
N PHE B 146 18.08 -8.09 -8.65
CA PHE B 146 17.65 -6.85 -8.01
C PHE B 146 18.04 -6.82 -6.54
N PHE B 147 18.44 -7.96 -5.98
CA PHE B 147 18.65 -8.14 -4.55
C PHE B 147 20.11 -8.46 -4.25
N TYR B 148 20.59 -7.91 -3.13
CA TYR B 148 21.82 -8.38 -2.50
C TYR B 148 21.59 -9.72 -1.81
N MET B 149 20.46 -9.86 -1.13
CA MET B 149 20.14 -11.08 -0.42
C MET B 149 19.82 -12.22 -1.40
N PRO B 150 19.95 -13.47 -0.96
CA PRO B 150 19.58 -14.58 -1.84
C PRO B 150 18.10 -14.57 -2.14
N VAL B 151 17.77 -14.95 -3.38
CA VAL B 151 16.40 -15.10 -3.83
C VAL B 151 16.28 -16.49 -4.40
N ASP B 152 15.42 -17.31 -3.82
CA ASP B 152 15.16 -18.65 -4.31
C ASP B 152 13.90 -18.59 -5.15
N ASN B 153 14.04 -18.76 -6.46
CA ASN B 153 12.90 -18.75 -7.37
C ASN B 153 12.60 -20.22 -7.68
N VAL B 154 11.56 -20.76 -7.05
CA VAL B 154 11.24 -22.18 -7.23
C VAL B 154 10.25 -22.33 -8.36
N TYR B 155 10.47 -23.33 -9.21
CA TYR B 155 9.62 -23.55 -10.37
C TYR B 155 8.43 -24.43 -10.01
N SER B 156 7.26 -24.07 -10.52
CA SER B 156 6.06 -24.88 -10.32
C SER B 156 6.03 -26.11 -11.21
N THR B 157 6.96 -26.22 -12.15
CA THR B 157 6.92 -27.25 -13.19
C THR B 157 6.66 -28.67 -12.66
N PRO B 158 7.33 -29.14 -11.59
CA PRO B 158 7.07 -30.53 -11.16
C PRO B 158 5.61 -30.80 -10.84
N VAL B 159 4.94 -29.85 -10.20
CA VAL B 159 3.53 -30.06 -9.85
C VAL B 159 2.66 -30.01 -11.09
N LEU B 160 2.94 -29.09 -12.01
CA LEU B 160 2.13 -29.01 -13.22
C LEU B 160 2.34 -30.24 -14.10
N LEU B 161 3.58 -30.75 -14.17
CA LEU B 161 3.85 -31.96 -14.95
C LEU B 161 3.12 -33.17 -14.38
N GLU B 162 3.13 -33.32 -13.05
CA GLU B 162 2.41 -34.43 -12.43
C GLU B 162 0.93 -34.38 -12.79
N ASP B 163 0.34 -33.19 -12.82
CA ASP B 163 -1.08 -33.07 -13.12
C ASP B 163 -1.35 -33.32 -14.60
N ILE B 164 -0.50 -32.80 -15.48
CA ILE B 164 -0.65 -33.06 -16.91
C ILE B 164 -0.60 -34.56 -17.17
N THR B 165 0.33 -35.26 -16.51
CA THR B 165 0.46 -36.69 -16.72
C THR B 165 -0.80 -37.43 -16.32
N LYS B 166 -1.48 -36.96 -15.26
CA LYS B 166 -2.72 -37.59 -14.84
C LYS B 166 -3.82 -37.52 -15.90
N GLN B 167 -3.75 -36.55 -16.82
CA GLN B 167 -4.79 -36.43 -17.85
C GLN B 167 -4.68 -37.49 -18.93
N LYS B 168 -3.54 -38.16 -19.05
CA LYS B 168 -3.33 -39.25 -20.01
C LYS B 168 -3.71 -38.81 -21.43
N LEU B 169 -3.13 -37.71 -21.87
CA LEU B 169 -3.41 -37.15 -23.19
C LEU B 169 -2.38 -37.62 -24.21
N ASN B 170 -2.84 -37.84 -25.44
CA ASN B 170 -1.96 -38.11 -26.57
CA ASN B 170 -1.94 -38.10 -26.55
C ASN B 170 -1.85 -36.88 -27.45
N ASN B 171 -0.91 -36.93 -28.40
CA ASN B 171 -0.70 -35.86 -29.37
C ASN B 171 -0.62 -34.49 -28.70
N ILE B 172 0.19 -34.42 -27.64
CA ILE B 172 0.31 -33.19 -26.86
C ILE B 172 1.14 -32.17 -27.63
N MET B 173 0.74 -30.91 -27.55
CA MET B 173 1.53 -29.80 -28.06
CA MET B 173 1.51 -29.80 -28.07
C MET B 173 1.52 -28.69 -27.03
N ILE B 174 2.70 -28.30 -26.57
CA ILE B 174 2.83 -27.21 -25.61
C ILE B 174 2.81 -25.90 -26.39
N VAL B 175 2.13 -24.88 -25.87
CA VAL B 175 1.97 -23.62 -26.58
C VAL B 175 2.40 -22.48 -25.67
N SER B 176 3.34 -21.66 -26.13
CA SER B 176 3.59 -20.38 -25.49
C SER B 176 2.61 -19.36 -26.05
N PRO B 177 1.82 -18.67 -25.22
CA PRO B 177 0.81 -17.74 -25.76
C PRO B 177 1.38 -16.41 -26.19
N ASP B 178 2.67 -16.16 -25.97
CA ASP B 178 3.34 -14.97 -26.48
C ASP B 178 4.82 -15.28 -26.66
N VAL B 179 5.56 -14.32 -27.23
CA VAL B 179 6.97 -14.59 -27.54
C VAL B 179 7.86 -14.55 -26.30
N GLY B 180 7.43 -13.92 -25.22
CA GLY B 180 8.21 -13.91 -23.99
C GLY B 180 8.07 -15.14 -23.13
N GLY B 181 7.08 -15.98 -23.41
CA GLY B 181 6.86 -17.19 -22.63
C GLY B 181 7.50 -18.45 -23.18
N VAL B 182 8.38 -18.33 -24.18
CA VAL B 182 8.83 -19.54 -24.85
C VAL B 182 9.81 -20.32 -23.97
N VAL B 183 10.61 -19.64 -23.15
CA VAL B 183 11.57 -20.35 -22.30
C VAL B 183 10.84 -21.23 -21.31
N ARG B 184 9.80 -20.68 -20.66
CA ARG B 184 9.00 -21.45 -19.73
C ARG B 184 8.29 -22.60 -20.43
N ALA B 185 7.70 -22.33 -21.60
CA ALA B 185 6.97 -23.37 -22.31
C ALA B 185 7.88 -24.50 -22.76
N ARG B 186 9.08 -24.16 -23.24
CA ARG B 186 10.02 -25.20 -23.66
C ARG B 186 10.46 -26.05 -22.48
N ALA B 187 10.66 -25.43 -21.31
CA ALA B 187 11.07 -26.19 -20.13
C ALA B 187 10.04 -27.25 -19.77
N VAL B 188 8.75 -26.95 -19.97
CA VAL B 188 7.70 -27.94 -19.73
C VAL B 188 7.69 -28.99 -20.84
N ALA B 189 7.77 -28.55 -22.09
CA ALA B 189 7.77 -29.48 -23.21
C ALA B 189 8.91 -30.48 -23.11
N LYS B 190 10.11 -30.00 -22.74
CA LYS B 190 11.27 -30.89 -22.69
C LYS B 190 11.10 -31.97 -21.64
N ARG B 191 10.47 -31.63 -20.51
CA ARG B 191 10.29 -32.56 -19.41
C ARG B 191 9.04 -33.41 -19.57
N LEU B 192 8.23 -33.16 -20.60
CA LEU B 192 7.01 -33.91 -20.82
C LEU B 192 7.18 -34.83 -22.03
N ASN B 193 8.10 -35.79 -21.93
CA ASN B 193 8.43 -36.71 -23.01
C ASN B 193 8.91 -35.97 -24.27
N ASP B 194 9.54 -34.81 -24.07
CA ASP B 194 10.10 -33.98 -25.15
C ASP B 194 9.03 -33.68 -26.20
N ALA B 195 7.97 -33.02 -25.75
CA ALA B 195 6.80 -32.77 -26.57
C ALA B 195 7.05 -31.63 -27.56
N GLU B 196 6.17 -31.54 -28.56
CA GLU B 196 6.25 -30.48 -29.54
C GLU B 196 5.84 -29.14 -28.93
N LEU B 197 6.31 -28.07 -29.56
CA LEU B 197 6.16 -26.71 -29.05
C LEU B 197 5.72 -25.78 -30.17
N SER B 198 4.75 -24.92 -29.88
CA SER B 198 4.30 -23.88 -30.78
CA SER B 198 4.35 -23.87 -30.80
C SER B 198 4.26 -22.56 -30.03
N ILE B 199 4.25 -21.45 -30.77
CA ILE B 199 4.35 -20.11 -30.20
C ILE B 199 3.32 -19.20 -30.87
N ILE B 200 2.54 -18.49 -30.06
CA ILE B 200 1.61 -17.48 -30.56
C ILE B 200 2.35 -16.16 -30.70
N ASP B 201 2.22 -15.52 -31.86
CA ASP B 201 2.96 -14.32 -32.21
C ASP B 201 1.97 -13.28 -32.74
N LYS B 202 1.59 -12.33 -31.89
CA LYS B 202 0.64 -11.28 -32.26
C LYS B 202 1.36 -10.09 -32.89
N ARG B 203 0.72 -9.48 -33.90
CA ARG B 203 1.24 -8.29 -34.55
C ARG B 203 0.14 -7.26 -34.70
N ARG B 204 0.42 -6.01 -34.32
CA ARG B 204 -0.56 -4.93 -34.41
C ARG B 204 -0.72 -4.50 -35.86
N SER B 205 -1.43 -5.32 -36.62
CA SER B 205 -1.71 -5.03 -38.02
C SER B 205 -3.15 -4.58 -38.21
N GLU B 211 -4.30 -5.60 -33.64
CA GLU B 211 -3.50 -6.77 -33.27
C GLU B 211 -4.01 -8.03 -33.96
N VAL B 212 -3.14 -8.66 -34.76
CA VAL B 212 -3.48 -9.85 -35.53
C VAL B 212 -2.64 -11.01 -35.01
N MET B 213 -3.27 -12.17 -34.84
CA MET B 213 -2.62 -13.34 -34.29
C MET B 213 -1.95 -14.15 -35.38
N HIS B 214 -0.82 -14.78 -35.01
CA HIS B 214 -0.13 -15.71 -35.88
C HIS B 214 0.50 -16.80 -35.02
N ILE B 215 0.57 -18.01 -35.57
CA ILE B 215 1.10 -19.17 -34.86
C ILE B 215 2.41 -19.59 -35.51
N ILE B 216 3.42 -19.81 -34.68
CA ILE B 216 4.67 -20.41 -35.13
C ILE B 216 4.62 -21.87 -34.68
N GLY B 217 4.51 -22.78 -35.64
CA GLY B 217 4.26 -24.18 -35.36
C GLY B 217 2.95 -24.65 -35.96
N GLU B 218 2.68 -25.95 -35.78
CA GLU B 218 1.52 -26.60 -36.39
C GLU B 218 0.67 -27.28 -35.33
N PRO B 219 -0.38 -26.63 -34.84
CA PRO B 219 -1.22 -27.21 -33.77
C PRO B 219 -2.38 -28.07 -34.25
N ALA B 220 -2.59 -28.18 -35.56
CA ALA B 220 -3.74 -28.92 -36.06
C ALA B 220 -3.76 -30.35 -35.51
N ASN B 221 -4.93 -30.76 -35.02
CA ASN B 221 -5.20 -32.11 -34.51
C ASN B 221 -4.44 -32.44 -33.25
N LYS B 222 -3.89 -31.44 -32.57
CA LYS B 222 -3.13 -31.66 -31.35
C LYS B 222 -3.96 -31.27 -30.12
N ASN B 223 -3.71 -31.96 -29.03
CA ASN B 223 -4.25 -31.54 -27.73
C ASN B 223 -3.30 -30.49 -27.18
N CYS B 224 -3.67 -29.22 -27.32
CA CYS B 224 -2.78 -28.12 -27.00
C CYS B 224 -2.87 -27.75 -25.53
N ILE B 225 -1.71 -27.49 -24.93
CA ILE B 225 -1.63 -27.04 -23.55
C ILE B 225 -0.88 -25.72 -23.51
N ILE B 226 -1.59 -24.64 -23.22
CA ILE B 226 -0.97 -23.33 -23.06
C ILE B 226 -0.30 -23.28 -21.70
N VAL B 227 0.94 -22.77 -21.67
CA VAL B 227 1.71 -22.64 -20.43
C VAL B 227 2.12 -21.18 -20.26
N ASP B 228 1.91 -20.63 -19.06
CA ASP B 228 2.26 -19.25 -18.80
C ASP B 228 2.43 -19.06 -17.29
N ASP B 229 2.95 -17.89 -16.90
CA ASP B 229 3.18 -17.64 -15.48
C ASP B 229 2.00 -16.93 -14.83
N ILE B 230 1.36 -15.99 -15.52
CA ILE B 230 0.31 -15.16 -14.93
C ILE B 230 -0.89 -15.19 -15.86
N VAL B 231 -2.08 -15.40 -15.31
CA VAL B 231 -3.31 -15.09 -16.03
C VAL B 231 -3.98 -13.93 -15.28
N ASP B 232 -4.08 -12.78 -15.94
CA ASP B 232 -4.51 -11.55 -15.30
C ASP B 232 -5.89 -11.23 -15.86
N THR B 233 -5.99 -10.47 -16.95
CA THR B 233 -7.27 -10.24 -17.60
C THR B 233 -7.74 -11.45 -18.42
N ALA B 234 -6.84 -12.40 -18.67
CA ALA B 234 -7.01 -13.57 -19.52
C ALA B 234 -7.07 -13.23 -21.00
N GLY B 235 -6.68 -12.01 -21.38
CA GLY B 235 -6.64 -11.68 -22.80
C GLY B 235 -5.64 -12.52 -23.56
N THR B 236 -4.42 -12.64 -23.03
CA THR B 236 -3.40 -13.47 -23.66
C THR B 236 -3.88 -14.91 -23.79
N LEU B 237 -4.46 -15.43 -22.71
CA LEU B 237 -4.92 -16.82 -22.69
C LEU B 237 -6.06 -17.03 -23.69
N CYS B 238 -7.10 -16.19 -23.63
CA CYS B 238 -8.28 -16.46 -24.44
C CYS B 238 -8.02 -16.20 -25.92
N THR B 239 -7.20 -15.20 -26.26
CA THR B 239 -6.86 -14.98 -27.66
C THR B 239 -6.03 -16.13 -28.20
N ALA B 240 -5.11 -16.66 -27.38
CA ALA B 240 -4.34 -17.82 -27.80
C ALA B 240 -5.24 -19.04 -27.99
N ALA B 241 -6.16 -19.27 -27.06
CA ALA B 241 -7.04 -20.43 -27.18
C ALA B 241 -7.91 -20.33 -28.43
N HIS B 242 -8.38 -19.13 -28.76
CA HIS B 242 -9.20 -18.96 -29.96
C HIS B 242 -8.38 -19.17 -31.23
N GLU B 243 -7.15 -18.67 -31.26
CA GLU B 243 -6.31 -18.85 -32.45
C GLU B 243 -5.97 -20.32 -32.66
N LEU B 244 -5.73 -21.06 -31.58
CA LEU B 244 -5.43 -22.48 -31.71
C LEU B 244 -6.64 -23.24 -32.25
N LYS B 245 -7.82 -22.97 -31.71
CA LYS B 245 -9.02 -23.63 -32.19
C LYS B 245 -9.29 -23.27 -33.65
N LYS B 246 -9.13 -21.99 -34.00
CA LYS B 246 -9.31 -21.56 -35.38
C LYS B 246 -8.38 -22.31 -36.33
N ASN B 247 -7.19 -22.68 -35.86
CA ASN B 247 -6.20 -23.36 -36.67
C ASN B 247 -6.21 -24.87 -36.48
N GLY B 248 -7.30 -25.42 -35.97
CA GLY B 248 -7.54 -26.84 -36.02
C GLY B 248 -7.14 -27.66 -34.81
N ALA B 249 -6.78 -27.02 -33.70
CA ALA B 249 -6.42 -27.78 -32.51
C ALA B 249 -7.56 -28.69 -32.08
N LYS B 250 -7.20 -29.90 -31.65
CA LYS B 250 -8.21 -30.86 -31.22
C LYS B 250 -8.86 -30.43 -29.91
N SER B 251 -8.07 -29.89 -29.00
CA SER B 251 -8.56 -29.34 -27.74
C SER B 251 -7.51 -28.35 -27.26
N VAL B 252 -7.91 -27.48 -26.33
CA VAL B 252 -7.02 -26.50 -25.74
C VAL B 252 -7.28 -26.46 -24.25
N ARG B 253 -6.23 -26.52 -23.45
CA ARG B 253 -6.30 -26.29 -22.01
C ARG B 253 -5.10 -25.45 -21.63
N ALA B 254 -5.04 -25.04 -20.36
CA ALA B 254 -3.97 -24.14 -19.95
C ALA B 254 -3.51 -24.47 -18.54
N TYR B 255 -2.21 -24.31 -18.32
CA TYR B 255 -1.59 -24.43 -17.00
C TYR B 255 -0.85 -23.13 -16.76
N ILE B 256 -1.33 -22.35 -15.80
CA ILE B 256 -0.81 -21.00 -15.56
C ILE B 256 -0.63 -20.82 -14.06
N THR B 257 0.57 -20.42 -13.64
CA THR B 257 0.91 -20.53 -12.22
C THR B 257 0.03 -19.63 -11.36
N HIS B 258 -0.01 -18.34 -11.68
CA HIS B 258 -0.53 -17.34 -10.76
C HIS B 258 -1.89 -16.84 -11.23
N PRO B 259 -2.97 -17.15 -10.53
CA PRO B 259 -4.32 -16.69 -10.93
C PRO B 259 -4.66 -15.29 -10.41
N VAL B 260 -4.12 -14.28 -11.09
CA VAL B 260 -4.44 -12.89 -10.75
C VAL B 260 -5.91 -12.61 -11.06
N LEU B 261 -6.36 -12.96 -12.26
CA LEU B 261 -7.78 -13.01 -12.63
C LEU B 261 -8.52 -11.71 -12.30
N SER B 262 -8.01 -10.61 -12.86
CA SER B 262 -8.66 -9.33 -12.65
C SER B 262 -9.74 -9.09 -13.72
N GLY B 263 -10.64 -8.14 -13.42
CA GLY B 263 -11.60 -7.66 -14.38
C GLY B 263 -12.46 -8.76 -14.95
N PRO B 264 -12.47 -8.89 -16.28
CA PRO B 264 -13.38 -9.84 -16.93
C PRO B 264 -12.76 -11.22 -17.11
N ALA B 265 -11.68 -11.53 -16.38
CA ALA B 265 -10.94 -12.77 -16.63
C ALA B 265 -11.83 -14.00 -16.53
N VAL B 266 -12.59 -14.12 -15.45
CA VAL B 266 -13.38 -15.34 -15.24
C VAL B 266 -14.44 -15.48 -16.32
N ASN B 267 -15.11 -14.39 -16.67
CA ASN B 267 -16.14 -14.46 -17.72
C ASN B 267 -15.52 -14.73 -19.09
N ASN B 268 -14.32 -14.16 -19.35
CA ASN B 268 -13.61 -14.50 -20.58
C ASN B 268 -13.34 -15.99 -20.67
N ILE B 269 -12.82 -16.58 -19.58
CA ILE B 269 -12.52 -18.01 -19.56
C ILE B 269 -13.80 -18.81 -19.71
N LYS B 270 -14.87 -18.39 -19.03
CA LYS B 270 -16.13 -19.13 -19.08
C LYS B 270 -16.63 -19.29 -20.51
N HIS B 271 -16.54 -18.22 -21.31
CA HIS B 271 -17.05 -18.24 -22.67
C HIS B 271 -16.01 -18.70 -23.70
N SER B 272 -14.82 -19.08 -23.26
CA SER B 272 -13.79 -19.55 -24.16
C SER B 272 -14.02 -21.03 -24.52
N GLY B 273 -13.23 -21.51 -25.46
CA GLY B 273 -13.21 -22.91 -25.81
C GLY B 273 -12.31 -23.77 -24.95
N LEU B 274 -11.68 -23.20 -23.91
CA LEU B 274 -10.75 -23.95 -23.08
C LEU B 274 -11.46 -25.08 -22.35
N ASP B 275 -10.88 -26.28 -22.42
CA ASP B 275 -11.39 -27.40 -21.66
C ASP B 275 -11.23 -27.15 -20.16
N GLU B 276 -10.05 -26.67 -19.76
CA GLU B 276 -9.73 -26.45 -18.36
C GLU B 276 -8.62 -25.43 -18.28
N VAL B 277 -8.62 -24.66 -17.19
CA VAL B 277 -7.52 -23.78 -16.83
C VAL B 277 -7.05 -24.20 -15.45
N VAL B 278 -5.84 -24.76 -15.36
CA VAL B 278 -5.28 -25.21 -14.09
C VAL B 278 -4.33 -24.14 -13.59
N VAL B 279 -4.54 -23.71 -12.34
CA VAL B 279 -3.76 -22.65 -11.70
C VAL B 279 -3.29 -23.18 -10.34
N THR B 280 -2.32 -22.49 -9.75
CA THR B 280 -1.88 -22.86 -8.41
C THR B 280 -2.56 -21.99 -7.35
N ASP B 281 -2.22 -22.25 -6.09
CA ASP B 281 -2.78 -21.48 -4.97
C ASP B 281 -1.83 -20.40 -4.44
N THR B 282 -0.95 -19.85 -5.30
CA THR B 282 -0.14 -18.71 -4.87
C THR B 282 -1.01 -17.48 -4.58
N ILE B 283 -2.19 -17.40 -5.19
CA ILE B 283 -3.13 -16.29 -5.05
C ILE B 283 -4.50 -16.91 -4.77
N PRO B 284 -5.24 -16.44 -3.77
CA PRO B 284 -6.57 -17.00 -3.52
C PRO B 284 -7.53 -16.67 -4.64
N LEU B 285 -8.46 -17.59 -4.91
CA LEU B 285 -9.51 -17.34 -5.90
C LEU B 285 -10.64 -16.51 -5.32
N SER B 286 -11.17 -15.61 -6.15
CA SER B 286 -12.42 -14.92 -5.82
C SER B 286 -13.58 -15.91 -5.83
N ALA B 287 -14.70 -15.50 -5.23
CA ALA B 287 -15.88 -16.36 -5.23
C ALA B 287 -16.30 -16.69 -6.66
N GLU B 288 -16.22 -15.71 -7.55
CA GLU B 288 -16.58 -15.93 -8.95
C GLU B 288 -15.67 -16.97 -9.59
N ALA B 289 -14.36 -16.87 -9.37
CA ALA B 289 -13.45 -17.87 -9.90
C ALA B 289 -13.70 -19.23 -9.26
N GLN B 290 -14.06 -19.25 -7.97
CA GLN B 290 -14.39 -20.52 -7.32
C GLN B 290 -15.63 -21.16 -7.91
N ASN B 291 -16.52 -20.37 -8.51
CA ASN B 291 -17.73 -20.88 -9.13
C ASN B 291 -17.55 -21.23 -10.60
N CYS B 292 -16.34 -21.11 -11.14
CA CYS B 292 -16.07 -21.38 -12.54
C CYS B 292 -15.54 -22.81 -12.66
N GLU B 293 -16.37 -23.69 -13.24
CA GLU B 293 -16.00 -25.10 -13.35
C GLU B 293 -14.74 -25.32 -14.18
N LYS B 294 -14.44 -24.38 -15.09
CA LYS B 294 -13.26 -24.54 -15.94
CA LYS B 294 -13.26 -24.53 -15.93
C LYS B 294 -11.96 -24.30 -15.19
N ILE B 295 -11.99 -23.63 -14.04
CA ILE B 295 -10.77 -23.29 -13.31
C ILE B 295 -10.58 -24.31 -12.18
N ARG B 296 -9.39 -24.90 -12.10
CA ARG B 296 -9.07 -25.89 -11.09
C ARG B 296 -7.74 -25.57 -10.47
N VAL B 297 -7.64 -25.71 -9.15
CA VAL B 297 -6.45 -25.35 -8.40
C VAL B 297 -5.64 -26.60 -8.07
N VAL B 298 -4.33 -26.53 -8.29
CA VAL B 298 -3.36 -27.50 -7.77
C VAL B 298 -2.48 -26.78 -6.77
N SER B 299 -2.16 -27.45 -5.67
CA SER B 299 -1.51 -26.76 -4.54
C SER B 299 0.01 -26.85 -4.59
N LEU B 300 0.66 -25.73 -4.22
CA LEU B 300 2.10 -25.68 -4.02
C LEU B 300 2.50 -25.72 -2.55
N ALA B 301 1.57 -26.10 -1.66
CA ALA B 301 1.88 -26.08 -0.24
C ALA B 301 3.03 -27.02 0.09
N ASP B 302 3.02 -28.23 -0.48
CA ASP B 302 4.09 -29.17 -0.19
C ASP B 302 5.42 -28.68 -0.75
N MET B 303 5.40 -28.17 -1.99
CA MET B 303 6.62 -27.65 -2.59
C MET B 303 7.21 -26.51 -1.76
N LEU B 304 6.35 -25.59 -1.31
CA LEU B 304 6.85 -24.47 -0.52
C LEU B 304 7.32 -24.93 0.85
N ALA B 305 6.60 -25.88 1.46
CA ALA B 305 7.06 -26.40 2.74
C ALA B 305 8.44 -27.04 2.63
N GLN B 306 8.68 -27.78 1.53
CA GLN B 306 9.98 -28.41 1.37
CA GLN B 306 9.99 -28.42 1.36
C GLN B 306 11.08 -27.37 1.13
N ALA B 307 10.76 -26.32 0.39
CA ALA B 307 11.73 -25.24 0.15
C ALA B 307 12.06 -24.51 1.43
N ILE B 308 11.07 -24.31 2.30
CA ILE B 308 11.32 -23.69 3.60
C ILE B 308 12.19 -24.58 4.47
N LYS B 309 11.89 -25.88 4.52
CA LYS B 309 12.73 -26.80 5.26
C LYS B 309 14.17 -26.76 4.77
N ARG B 310 14.36 -26.63 3.45
CA ARG B 310 15.72 -26.66 2.89
C ARG B 310 16.56 -25.49 3.40
N VAL B 311 15.95 -24.32 3.58
CA VAL B 311 16.77 -23.18 4.03
C VAL B 311 16.79 -23.03 5.54
N ASN B 312 15.97 -23.78 6.28
CA ASN B 312 15.88 -23.62 7.72
C ASN B 312 17.18 -23.98 8.41
N VAL B 313 17.68 -23.07 9.25
CA VAL B 313 18.92 -23.25 9.99
C VAL B 313 18.63 -23.52 11.46
C1 EDO C . 4.10 -0.27 0.51
O1 EDO C . 2.92 -0.92 0.03
C2 EDO C . 3.89 1.21 0.27
O2 EDO C . 2.53 1.49 0.64
C1 EOH D . -6.18 17.25 -10.66
C2 EOH D . -5.19 16.86 -11.77
O EOH D . -7.39 16.54 -10.76
C1 HSX E . -4.06 11.03 18.22
O4 HSX E . -5.34 10.42 18.05
C2 HSX E . -4.33 12.52 18.03
O2 HSX E . -3.32 13.31 18.66
C3 HSX E . -5.72 12.70 18.67
O3 HSX E . -5.69 13.20 20.01
C4 HSX E . -6.33 11.30 18.61
C5 HSX E . -7.61 11.20 17.80
O5 HSX E . -8.13 9.86 17.98
P' HSX E . -9.74 9.60 17.91
O1X HSX E . -10.38 10.81 17.16
O2X HSX E . -10.25 9.69 19.35
O3X HSX E . -9.98 8.27 17.31
O1 HSX E . -3.55 10.78 19.50
C1 EDO F . 17.30 13.87 -8.07
O1 EDO F . 16.44 13.43 -9.14
C2 EDO F . 16.57 13.74 -6.74
O2 EDO F . 16.82 12.45 -6.15
C1 EOH G . 16.54 22.29 -9.28
C2 EOH G . 16.34 23.61 -10.04
O EOH G . 17.91 21.96 -9.15
P AMP H . 6.99 29.27 21.18
O1P AMP H . 6.81 29.55 19.71
O2P AMP H . 7.94 30.21 21.89
O3P AMP H . 5.69 29.03 21.90
O5' AMP H . 7.73 27.86 21.23
C5' AMP H . 7.46 26.92 22.27
C4' AMP H . 7.45 25.48 21.80
O4' AMP H . 6.13 25.12 21.32
C3' AMP H . 8.43 25.15 20.67
O3' AMP H . 9.04 23.88 20.93
C2' AMP H . 7.54 25.04 19.45
O2' AMP H . 8.01 24.17 18.44
C1' AMP H . 6.24 24.52 20.05
N9 AMP H . 5.05 24.90 19.28
C8 AMP H . 4.64 26.17 19.06
N7 AMP H . 3.52 26.20 18.30
C5 AMP H . 3.20 24.92 18.01
C6 AMP H . 2.13 24.26 17.26
N6 AMP H . 1.18 25.00 16.64
N1 AMP H . 2.15 22.91 17.19
C2 AMP H . 3.10 22.18 17.80
N3 AMP H . 4.11 22.73 18.51
C4 AMP H . 4.21 24.07 18.65
C1 EDO I . -18.38 31.59 10.44
O1 EDO I . -18.69 30.37 9.78
C2 EDO I . -17.31 32.34 9.66
O2 EDO I . -16.12 31.56 9.61
P AMP J . -1.91 4.60 28.32
P AMP J . 0.03 4.57 30.51
O1P AMP J . -1.82 4.41 26.83
O1P AMP J . -1.47 4.42 30.54
O2P AMP J . -1.91 3.32 29.13
O2P AMP J . 0.77 3.34 30.05
O3P AMP J . -2.95 5.61 28.76
O3P AMP J . 0.63 5.25 31.72
O5' AMP J . -0.52 5.28 28.69
O5' AMP J . 0.30 5.63 29.34
C5' AMP J . 0.68 4.84 28.06
C5' AMP J . 0.61 5.20 28.01
C4' AMP J . 1.42 5.99 27.43
C4' AMP J . 1.43 6.23 27.29
O4' AMP J . 2.17 6.69 28.44
O4' AMP J . 2.25 6.94 28.24
C3' AMP J . 2.43 5.59 26.35
C3' AMP J . 2.38 5.69 26.22
O3' AMP J . 2.45 6.59 25.33
O3' AMP J . 2.52 6.65 25.17
C2' AMP J . 3.75 5.59 27.09
C2' AMP J . 3.70 5.58 26.98
O2' AMP J . 4.89 5.85 26.27
O2' AMP J . 4.85 5.65 26.16
C1' AMP J . 3.56 6.71 28.12
C1' AMP J . 3.62 6.76 27.93
N9 AMP J . 4.31 6.51 29.34
N9 AMP J . 4.33 6.54 29.20
C8 AMP J . 4.11 5.51 30.22
C8 AMP J . 4.09 5.52 30.05
N7 AMP J . 4.98 5.58 31.27
N7 AMP J . 4.91 5.57 31.13
C5 AMP J . 5.76 6.66 31.06
C5 AMP J . 5.71 6.64 30.97
C6 AMP J . 6.88 7.31 31.76
C6 AMP J . 6.80 7.27 31.74
N6 AMP J . 7.34 6.83 32.93
N6 AMP J . 7.22 6.75 32.91
N1 AMP J . 7.43 8.42 31.20
N1 AMP J . 7.37 8.38 31.21
C2 AMP J . 6.96 8.92 30.03
C2 AMP J . 6.97 8.90 30.04
N3 AMP J . 5.96 8.37 29.34
N3 AMP J . 5.99 8.38 29.29
C4 AMP J . 5.32 7.26 29.78
C4 AMP J . 5.33 7.27 29.69
C1 EDO K . -9.71 11.43 -7.30
O1 EDO K . -9.09 11.35 -6.01
C2 EDO K . -8.70 11.11 -8.40
O2 EDO K . -7.63 12.07 -8.46
C1 EDO L . 3.80 30.17 12.87
O1 EDO L . 3.21 29.33 11.86
C2 EDO L . 2.76 30.49 13.94
O2 EDO L . 2.30 29.27 14.54
C1 EDO M . -7.12 8.85 -2.19
O1 EDO M . -7.29 9.55 -0.94
C2 EDO M . -8.44 8.74 -2.95
O2 EDO M . -9.16 7.57 -2.52
PB ADP N . 5.96 -7.10 -22.42
O1B ADP N . 5.96 -5.59 -22.47
O2B ADP N . 6.59 -7.76 -23.63
O3B ADP N . 4.64 -7.71 -22.01
PA ADP N . 6.49 -7.84 -19.71
O1A ADP N . 7.71 -7.88 -18.84
O2A ADP N . 5.59 -9.05 -19.82
O3A ADP N . 6.98 -7.48 -21.22
O5' ADP N . 5.60 -6.56 -19.28
C5' ADP N . 6.10 -5.22 -19.39
C4' ADP N . 4.97 -4.20 -19.49
O4' ADP N . 3.89 -4.54 -18.60
C3' ADP N . 5.41 -2.79 -19.15
O3' ADP N . 4.81 -1.91 -20.09
C2' ADP N . 4.78 -2.50 -17.80
O2' ADP N . 4.43 -1.14 -17.68
C1' ADP N . 3.54 -3.39 -17.84
N9 ADP N . 3.08 -3.73 -16.49
C8 ADP N . 3.75 -3.59 -15.33
N7 ADP N . 2.99 -3.98 -14.27
C5 ADP N . 1.79 -4.37 -14.78
C6 ADP N . 0.54 -4.90 -14.23
N6 ADP N . 0.41 -5.08 -12.89
N1 ADP N . -0.46 -5.18 -15.11
C2 ADP N . -0.32 -5.01 -16.44
N3 ADP N . 0.79 -4.53 -17.03
C4 ADP N . 1.85 -4.20 -16.24
C1 EDO O . 14.70 10.09 -18.91
O1 EDO O . 13.94 9.20 -19.73
C2 EDO O . 15.30 11.20 -19.76
O2 EDO O . 16.28 11.92 -19.00
PB ADP P . -0.43 8.40 22.77
O1B ADP P . -1.65 9.09 22.20
O2B ADP P . 0.06 9.00 24.06
O3B ADP P . -0.55 6.90 22.80
PA ADP P . 0.53 8.80 20.13
O1A ADP P . -0.54 9.84 19.88
O2A ADP P . 1.88 8.94 19.46
O3A ADP P . 0.76 8.72 21.72
O5' ADP P . -0.07 7.35 19.75
C5' ADP P . 0.63 6.14 20.05
C4' ADP P . -0.32 4.94 19.94
O4' ADP P . -1.19 5.07 18.81
C3' ADP P . 0.43 3.63 19.79
O3' ADP P . -0.17 2.64 20.64
C2' ADP P . 0.18 3.24 18.34
O2' ADP P . 0.23 1.83 18.12
C1' ADP P . -1.19 3.85 18.08
N9 ADP P . -1.42 4.08 16.63
C8 ADP P . -0.50 4.02 15.64
N7 ADP P . -1.07 4.26 14.43
C5 ADP P . -2.39 4.47 14.64
C6 ADP P . -3.58 4.75 13.83
N6 ADP P . -3.46 4.88 12.48
N1 ADP P . -4.77 4.88 14.46
C2 ADP P . -4.89 4.74 15.80
N3 ADP P . -3.86 4.48 16.62
C4 ADP P . -2.61 4.33 16.10
C1 EDO Q . 17.11 -9.94 10.45
O1 EDO Q . 17.24 -8.57 10.05
C2 EDO Q . 17.55 -10.11 11.90
O2 EDO Q . 16.46 -9.74 12.77
C1 EDO R . 19.03 -2.81 6.10
O1 EDO R . 19.41 -1.43 6.05
C2 EDO R . 20.25 -3.71 5.91
O2 EDO R . 20.73 -3.59 4.57
C1 EDO S . -3.23 -29.75 2.10
O1 EDO S . -2.38 -29.34 3.19
C2 EDO S . -2.77 -29.28 0.71
O2 EDO S . -1.71 -30.07 0.17
C1 HSX T . 2.43 -11.17 -18.68
O4 HSX T . 1.06 -10.83 -18.80
C2 HSX T . 2.44 -12.65 -18.33
O2 HSX T . 3.70 -13.26 -18.64
C3 HSX T . 1.28 -13.18 -19.19
O3 HSX T . 1.65 -13.65 -20.49
C4 HSX T . 0.35 -11.99 -19.31
C5 HSX T . -0.96 -12.12 -18.59
O5 HSX T . -1.73 -10.93 -18.86
P' HSX T . -3.27 -10.99 -19.32
O1X HSX T . -3.93 -9.69 -18.85
O2X HSX T . -3.27 -11.12 -20.85
O3X HSX T . -3.90 -12.26 -18.69
O1 HSX T . 3.10 -10.98 -19.89
C1 EOH U . -3.71 -18.27 10.50
C2 EOH U . -4.30 -18.01 9.12
O EOH U . -3.52 -17.07 11.23
C1 EDO V . 4.22 -34.19 4.82
O1 EDO V . 3.90 -34.87 3.60
C2 EDO V . 4.75 -32.80 4.48
O2 EDO V . 5.74 -32.89 3.44
#